data_8RQ9
#
_entry.id   8RQ9
#
_cell.length_a   43.882
_cell.length_b   52.638
_cell.length_c   130.348
_cell.angle_alpha   96.440
_cell.angle_beta   91.490
_cell.angle_gamma   99.220
#
_symmetry.space_group_name_H-M   'P 1'
#
loop_
_entity.id
_entity.type
_entity.pdbx_description
1 polymer 'Protein cereblon'
2 polymer 'Bromodomain-containing protein 4'
3 non-polymer "(3~{S})-3-[7-[1-[7-[4-[6-(4-chlorophenyl)-1-methyl-spiro[[1,2,4]triazolo[4,3-a][1,4]benzodiazepine-4,1'-cyclopropane]-8-yl]pyrazol-1-yl]heptyl]piperidin-4-yl]-3-oxidanylidene-1~{H}-isoindol-2-yl]piperidine-2,6-dione"
4 non-polymer 'ZINC ION'
5 water water
#
loop_
_entity_poly.entity_id
_entity_poly.type
_entity_poly.pdbx_seq_one_letter_code
_entity_poly.pdbx_strand_id
1 'polypeptide(L)'
;SAKKPNIINFDTSLPTSHTYLGADMEEFHGRTLHDDDSIQVIPVLPQVMMILVPGQTLPLQLFHPQEVSMVRNLIQNDRT
FAVLAYSNVQEREAEFGTTAEIYAYREEQDFGIEIVKVKAIGRQRFKVLELRTQSDGIQQAKVQILPEGSGDAETLMDRI
KKQLREWDENLKDDSLPSNPIDFSYWVAANLPIDDSLRIQLLKIDSAIQRLRCELDIMNKCTSLCCKQCQETEITTKNEI
FSLSREGPMAAYVNPHGYVHEILTVYKACNLNLIGRPSTEHSWFPGYAWTVAQCKICASHIGWKFTATKKDMSPQKFWGL
TRSALIPTI
;
A,C
2 'polypeptide(L)'
;SMKDVPDSQQHPAPEKSSKVSEQLKCCSGILKEMFAKKHAAYAWPFYKPVDVEALGLHDYCDIIKHPMDMSTIKSKLEAR
EYRDAQEFGADVRLMFSNCYKYNPPDHEVVAMARKLQDVFEMRFAKMPDE
;
B,D
#
loop_
_chem_comp.id
_chem_comp.type
_chem_comp.name
_chem_comp.formula
A1H2F non-polymer (3~{S})-3-[7-[1-[7-[4-[6-(4-chlorophenyl)-1-methyl-spiro[[1,2,4]triazolo[4,3-a][1,4]benzodiazepine-4,1'-cyclopropane]-8-yl]pyrazol-1-yl]heptyl]piperidin-4-yl]-3-oxidanylidene-1~{H}-isoindol-2-yl]piperidine-2,6-dione 'C47 H50 Cl N9 O3'
ZN non-polymer 'ZINC ION' 'Zn 2'
#
# COMPACT_ATOMS: atom_id res chain seq x y z
N PRO A 5 -0.04 26.23 -14.53
CA PRO A 5 0.40 25.58 -13.30
C PRO A 5 0.23 26.48 -12.07
N ASN A 6 -0.45 25.96 -11.06
CA ASN A 6 -0.66 26.70 -9.81
C ASN A 6 -0.91 25.68 -8.71
N ILE A 7 -0.87 26.18 -7.46
CA ILE A 7 -1.15 25.35 -6.30
C ILE A 7 -2.61 24.96 -6.32
N ILE A 8 -2.98 23.98 -5.50
CA ILE A 8 -4.35 23.50 -5.39
C ILE A 8 -4.79 23.57 -3.94
N ASN A 9 -5.76 24.43 -3.65
CA ASN A 9 -6.44 24.43 -2.37
C ASN A 9 -7.64 23.49 -2.36
N PHE A 10 -8.04 22.99 -3.51
CA PHE A 10 -9.16 22.07 -3.62
C PHE A 10 -8.79 20.71 -3.06
N ASP A 11 -9.80 20.02 -2.54
CA ASP A 11 -9.64 18.66 -2.03
C ASP A 11 -10.02 17.67 -3.12
N THR A 12 -9.06 16.87 -3.57
CA THR A 12 -9.32 15.94 -4.66
C THR A 12 -10.33 14.87 -4.28
N SER A 13 -10.54 14.68 -2.99
CA SER A 13 -11.45 13.59 -2.52
C SER A 13 -12.93 13.99 -2.67
N LEU A 14 -13.25 15.27 -2.55
CA LEU A 14 -14.67 15.70 -2.57
C LEU A 14 -15.37 15.41 -3.91
N PRO A 15 -14.75 15.63 -5.10
CA PRO A 15 -15.41 15.30 -6.35
C PRO A 15 -15.72 13.80 -6.47
N THR A 16 -14.82 12.94 -5.99
CA THR A 16 -15.01 11.46 -6.07
C THR A 16 -16.24 11.05 -5.27
N SER A 17 -16.50 11.71 -4.14
CA SER A 17 -17.64 11.35 -3.25
C SER A 17 -18.99 11.54 -3.96
N HIS A 18 -19.04 12.38 -5.00
CA HIS A 18 -20.31 12.64 -5.74
C HIS A 18 -21.38 13.19 -4.81
N THR A 19 -21.09 14.27 -4.09
CA THR A 19 -22.04 14.88 -3.12
C THR A 19 -23.31 15.38 -3.81
N TYR A 20 -23.24 15.75 -5.09
CA TYR A 20 -24.41 16.34 -5.80
C TYR A 20 -25.58 15.35 -5.81
N LEU A 21 -25.31 14.07 -6.03
CA LEU A 21 -26.37 13.04 -6.06
C LEU A 21 -27.02 12.96 -4.67
N GLY A 22 -26.20 13.00 -3.62
CA GLY A 22 -26.72 12.90 -2.24
C GLY A 22 -25.56 12.70 -1.29
N ALA A 23 -25.84 12.43 -0.01
CA ALA A 23 -24.73 12.14 0.93
C ALA A 23 -25.12 10.95 1.83
N ASP A 24 -26.41 10.74 2.08
CA ASP A 24 -26.83 9.68 2.98
C ASP A 24 -27.25 8.45 2.19
N MET A 25 -26.24 7.75 1.64
CA MET A 25 -26.46 6.54 0.88
C MET A 25 -25.89 5.34 1.64
N GLU A 26 -26.49 4.18 1.40
CA GLU A 26 -26.04 2.94 2.03
C GLU A 26 -24.79 2.42 1.32
N GLU A 27 -23.85 1.92 2.11
CA GLU A 27 -22.54 1.52 1.61
C GLU A 27 -22.37 0.01 1.76
N PHE A 28 -22.01 -0.65 0.65
CA PHE A 28 -21.68 -2.07 0.64
C PHE A 28 -20.18 -2.21 0.44
N HIS A 29 -19.50 -2.85 1.39
CA HIS A 29 -18.07 -3.11 1.29
C HIS A 29 -17.74 -4.54 0.90
N GLY A 30 -18.75 -5.36 0.64
CA GLY A 30 -18.48 -6.71 0.15
C GLY A 30 -18.05 -6.69 -1.30
N ARG A 31 -17.13 -7.59 -1.65
CA ARG A 31 -16.56 -7.67 -2.98
C ARG A 31 -16.70 -9.08 -3.53
N THR A 32 -17.11 -9.19 -4.79
CA THR A 32 -17.31 -10.46 -5.45
C THR A 32 -16.48 -10.48 -6.74
N LEU A 33 -15.62 -11.49 -6.86
CA LEU A 33 -14.74 -11.63 -8.02
C LEU A 33 -14.87 -13.05 -8.55
N HIS A 34 -15.50 -13.20 -9.72
CA HIS A 34 -15.65 -14.50 -10.35
C HIS A 34 -14.30 -15.01 -10.86
N ASP A 35 -14.22 -16.33 -11.01
CA ASP A 35 -12.99 -16.97 -11.45
C ASP A 35 -12.82 -16.82 -12.96
N ASP A 36 -11.56 -16.76 -13.40
CA ASP A 36 -11.27 -16.54 -14.81
C ASP A 36 -11.76 -17.72 -15.65
N ASP A 37 -12.18 -17.40 -16.87
CA ASP A 37 -12.74 -18.31 -17.87
C ASP A 37 -14.12 -18.84 -17.49
N SER A 38 -14.65 -18.49 -16.32
CA SER A 38 -16.00 -18.90 -15.95
C SER A 38 -17.02 -18.14 -16.78
N ILE A 39 -18.18 -18.76 -16.99
CA ILE A 39 -19.26 -18.19 -17.76
C ILE A 39 -20.35 -17.73 -16.81
N GLN A 40 -20.92 -16.55 -17.07
CA GLN A 40 -21.90 -15.95 -16.17
C GLN A 40 -22.96 -15.23 -16.98
N VAL A 41 -24.14 -15.11 -16.37
CA VAL A 41 -25.27 -14.38 -16.94
C VAL A 41 -25.42 -13.08 -16.16
N ILE A 42 -25.34 -11.95 -16.87
CA ILE A 42 -25.39 -10.64 -16.22
C ILE A 42 -26.38 -9.74 -16.94
N PRO A 43 -27.31 -9.12 -16.22
CA PRO A 43 -28.22 -8.14 -16.86
C PRO A 43 -27.49 -6.86 -17.20
N VAL A 44 -27.93 -6.21 -18.28
CA VAL A 44 -27.28 -5.02 -18.80
C VAL A 44 -28.15 -3.80 -18.52
N LEU A 45 -27.49 -2.65 -18.39
CA LEU A 45 -28.20 -1.39 -18.22
C LEU A 45 -28.76 -0.93 -19.56
N PRO A 46 -30.01 -0.46 -19.60
CA PRO A 46 -30.65 -0.16 -20.89
C PRO A 46 -30.24 1.18 -21.50
N GLN A 47 -29.79 2.14 -20.69
CA GLN A 47 -29.52 3.47 -21.19
C GLN A 47 -28.03 3.78 -21.32
N VAL A 48 -27.16 3.05 -20.62
CA VAL A 48 -25.74 3.36 -20.67
C VAL A 48 -25.16 2.91 -22.00
N MET A 49 -24.26 3.74 -22.56
CA MET A 49 -23.57 3.43 -23.79
C MET A 49 -22.08 3.72 -23.70
N MET A 50 -21.58 4.05 -22.52
CA MET A 50 -20.17 4.37 -22.35
C MET A 50 -19.34 3.09 -22.30
N ILE A 51 -18.03 3.28 -22.34
CA ILE A 51 -17.07 2.17 -22.30
C ILE A 51 -16.33 2.28 -20.97
N LEU A 52 -16.67 1.40 -20.02
CA LEU A 52 -16.16 1.47 -18.67
C LEU A 52 -14.89 0.64 -18.52
N VAL A 53 -13.90 1.19 -17.82
CA VAL A 53 -12.64 0.49 -17.56
C VAL A 53 -12.65 0.04 -16.10
N PRO A 54 -12.06 -1.13 -15.74
CA PRO A 54 -11.97 -1.52 -14.34
C PRO A 54 -11.33 -0.45 -13.44
N GLY A 55 -11.95 -0.19 -12.29
CA GLY A 55 -11.42 0.81 -11.34
C GLY A 55 -12.03 2.19 -11.56
N GLN A 56 -12.72 2.38 -12.68
CA GLN A 56 -13.42 3.67 -12.93
C GLN A 56 -14.71 3.67 -12.13
N THR A 57 -15.19 4.85 -11.73
CA THR A 57 -16.42 4.95 -10.89
C THR A 57 -17.56 5.48 -11.75
N LEU A 58 -18.73 4.84 -11.70
CA LEU A 58 -19.87 5.25 -12.56
C LEU A 58 -21.03 5.80 -11.70
N PRO A 59 -21.31 7.14 -11.64
CA PRO A 59 -22.49 7.61 -10.94
C PRO A 59 -23.74 7.44 -11.80
N LEU A 60 -24.81 6.98 -11.17
CA LEU A 60 -26.00 6.61 -11.90
C LEU A 60 -27.26 7.17 -11.24
N GLN A 61 -28.28 7.39 -12.07
CA GLN A 61 -29.58 7.85 -11.62
C GLN A 61 -30.63 7.29 -12.57
N LEU A 62 -31.67 6.68 -12.01
CA LEU A 62 -32.65 5.93 -12.80
C LEU A 62 -34.06 6.35 -12.41
N PHE A 63 -34.91 6.54 -13.42
CA PHE A 63 -36.29 6.98 -13.21
C PHE A 63 -37.33 5.97 -13.66
N HIS A 64 -37.04 5.17 -14.67
CA HIS A 64 -38.05 4.33 -15.32
C HIS A 64 -38.40 3.13 -14.44
N PRO A 65 -39.66 2.71 -14.45
CA PRO A 65 -40.09 1.67 -13.48
C PRO A 65 -39.46 0.31 -13.73
N GLN A 66 -39.15 -0.04 -14.97
CA GLN A 66 -38.49 -1.31 -15.22
C GLN A 66 -37.05 -1.29 -14.72
N GLU A 67 -36.44 -0.11 -14.64
CA GLU A 67 -35.03 -0.01 -14.24
C GLU A 67 -34.86 -0.09 -12.73
N VAL A 68 -35.76 0.54 -11.97
CA VAL A 68 -35.69 0.44 -10.51
C VAL A 68 -35.95 -0.99 -10.07
N SER A 69 -36.78 -1.74 -10.82
CA SER A 69 -37.07 -3.11 -10.47
C SER A 69 -35.83 -4.00 -10.61
N MET A 70 -34.99 -3.73 -11.62
CA MET A 70 -33.77 -4.52 -11.77
C MET A 70 -32.77 -4.21 -10.68
N VAL A 71 -32.68 -2.93 -10.27
CA VAL A 71 -31.73 -2.55 -9.25
C VAL A 71 -32.11 -3.15 -7.90
N ARG A 72 -33.42 -3.26 -7.65
CA ARG A 72 -33.88 -3.80 -6.35
C ARG A 72 -33.56 -5.31 -6.29
N ASN A 73 -33.74 -6.03 -7.40
CA ASN A 73 -33.36 -7.46 -7.42
C ASN A 73 -31.85 -7.57 -7.23
N LEU A 74 -31.09 -6.69 -7.88
CA LEU A 74 -29.61 -6.79 -7.81
C LEU A 74 -29.14 -6.64 -6.37
N ILE A 75 -29.73 -5.71 -5.61
CA ILE A 75 -29.24 -5.49 -4.21
C ILE A 75 -29.52 -6.75 -3.38
N GLN A 76 -30.68 -7.40 -3.59
CA GLN A 76 -31.00 -8.64 -2.85
C GLN A 76 -30.01 -9.75 -3.23
N ASN A 77 -29.69 -9.87 -4.52
CA ASN A 77 -28.76 -10.92 -5.01
C ASN A 77 -27.34 -10.35 -5.05
N ASP A 78 -26.44 -10.96 -5.83
CA ASP A 78 -25.09 -10.37 -5.99
C ASP A 78 -25.27 -9.01 -6.69
N ARG A 79 -24.59 -7.97 -6.20
CA ARG A 79 -24.82 -6.62 -6.77
C ARG A 79 -23.90 -6.40 -7.97
N THR A 80 -24.20 -7.04 -9.11
CA THR A 80 -23.31 -6.95 -10.29
C THR A 80 -24.10 -6.81 -11.59
N PHE A 81 -23.77 -5.79 -12.40
CA PHE A 81 -24.42 -5.61 -13.69
C PHE A 81 -23.33 -5.36 -14.73
N ALA A 82 -23.71 -5.52 -16.01
CA ALA A 82 -22.77 -5.49 -17.12
C ALA A 82 -22.98 -4.23 -17.96
N VAL A 83 -21.88 -3.53 -18.25
CA VAL A 83 -21.88 -2.39 -19.15
C VAL A 83 -21.06 -2.76 -20.38
N LEU A 84 -21.72 -2.76 -21.54
CA LEU A 84 -21.11 -3.26 -22.76
C LEU A 84 -20.41 -2.13 -23.52
N ALA A 85 -19.49 -2.52 -24.40
CA ALA A 85 -18.79 -1.61 -25.29
C ALA A 85 -19.31 -1.84 -26.70
N TYR A 86 -20.09 -0.89 -27.20
CA TYR A 86 -20.72 -0.99 -28.51
C TYR A 86 -19.83 -0.36 -29.57
N SER A 87 -19.64 -1.07 -30.69
CA SER A 87 -18.93 -0.47 -31.81
C SER A 87 -19.74 0.66 -32.43
N ASN A 88 -21.04 0.46 -32.60
CA ASN A 88 -21.97 1.50 -33.04
C ASN A 88 -22.94 1.77 -31.90
N VAL A 89 -23.04 3.04 -31.49
CA VAL A 89 -23.88 3.39 -30.35
C VAL A 89 -25.35 3.17 -30.67
N GLN A 90 -25.79 3.58 -31.86
CA GLN A 90 -27.18 3.35 -32.26
C GLN A 90 -27.51 1.87 -32.27
N GLU A 91 -26.62 1.05 -32.80
CA GLU A 91 -26.82 -0.39 -32.79
C GLU A 91 -26.56 -0.94 -31.39
N ARG A 92 -27.11 -2.12 -31.13
CA ARG A 92 -26.89 -2.83 -29.88
C ARG A 92 -25.80 -3.88 -29.99
N GLU A 93 -24.97 -3.79 -31.03
CA GLU A 93 -23.93 -4.79 -31.27
C GLU A 93 -22.72 -4.50 -30.38
N ALA A 94 -22.27 -5.54 -29.66
CA ALA A 94 -21.11 -5.42 -28.80
C ALA A 94 -20.35 -6.74 -28.83
N GLU A 95 -19.09 -6.69 -28.41
CA GLU A 95 -18.25 -7.87 -28.42
C GLU A 95 -17.55 -8.06 -27.08
N PHE A 96 -17.19 -6.96 -26.43
CA PHE A 96 -16.47 -6.98 -25.17
C PHE A 96 -17.15 -6.05 -24.18
N GLY A 97 -16.67 -6.05 -22.94
CA GLY A 97 -17.26 -5.22 -21.91
C GLY A 97 -16.65 -5.52 -20.55
N THR A 98 -17.10 -4.75 -19.55
CA THR A 98 -16.56 -4.90 -18.17
C THR A 98 -17.72 -5.00 -17.17
N THR A 99 -17.57 -5.81 -16.12
CA THR A 99 -18.61 -5.94 -15.05
C THR A 99 -18.56 -4.72 -14.13
N ALA A 100 -19.69 -4.35 -13.52
CA ALA A 100 -19.72 -3.23 -12.54
C ALA A 100 -20.42 -3.67 -11.26
N GLU A 101 -19.89 -3.27 -10.09
CA GLU A 101 -20.45 -3.71 -8.79
C GLU A 101 -20.95 -2.49 -8.00
N ILE A 102 -22.18 -2.56 -7.48
CA ILE A 102 -22.77 -1.42 -6.73
C ILE A 102 -22.19 -1.37 -5.32
N TYR A 103 -21.52 -0.27 -4.96
CA TYR A 103 -20.96 -0.10 -3.60
C TYR A 103 -21.76 0.96 -2.84
N ALA A 104 -22.70 1.62 -3.53
CA ALA A 104 -23.49 2.70 -2.90
C ALA A 104 -24.90 2.70 -3.45
N TYR A 105 -25.91 2.80 -2.58
CA TYR A 105 -27.30 2.73 -3.00
C TYR A 105 -28.15 3.65 -2.14
N ARG A 106 -29.12 4.30 -2.79
CA ARG A 106 -30.04 5.20 -2.09
C ARG A 106 -31.37 5.22 -2.85
N GLU A 107 -32.46 5.02 -2.11
CA GLU A 107 -33.80 5.13 -2.67
C GLU A 107 -34.45 6.42 -2.19
N GLU A 108 -35.20 7.07 -3.09
CA GLU A 108 -35.85 8.33 -2.78
C GLU A 108 -37.14 8.41 -3.56
N GLN A 109 -38.21 8.86 -2.91
CA GLN A 109 -39.51 9.01 -3.56
C GLN A 109 -39.78 10.51 -3.72
N ASP A 110 -39.52 11.02 -4.92
CA ASP A 110 -39.67 12.44 -5.22
C ASP A 110 -41.01 12.65 -5.92
N PHE A 111 -41.95 13.27 -5.21
CA PHE A 111 -43.29 13.58 -5.73
C PHE A 111 -44.03 12.33 -6.19
N GLY A 112 -43.82 11.21 -5.48
CA GLY A 112 -44.52 9.98 -5.79
C GLY A 112 -43.86 9.09 -6.82
N ILE A 113 -42.72 9.49 -7.37
CA ILE A 113 -42.00 8.71 -8.37
C ILE A 113 -40.75 8.14 -7.72
N GLU A 114 -40.59 6.82 -7.80
CA GLU A 114 -39.46 6.16 -7.16
C GLU A 114 -38.15 6.49 -7.87
N ILE A 115 -37.15 6.87 -7.08
CA ILE A 115 -35.84 7.31 -7.56
C ILE A 115 -34.78 6.42 -6.94
N VAL A 116 -33.88 5.87 -7.76
CA VAL A 116 -32.69 5.19 -7.28
C VAL A 116 -31.46 5.92 -7.82
N LYS A 117 -30.50 6.15 -6.94
CA LYS A 117 -29.21 6.72 -7.31
C LYS A 117 -28.12 5.80 -6.76
N VAL A 118 -27.35 5.20 -7.65
CA VAL A 118 -26.37 4.20 -7.25
C VAL A 118 -24.99 4.62 -7.76
N LYS A 119 -23.96 4.10 -7.09
CA LYS A 119 -22.57 4.37 -7.55
C LYS A 119 -21.89 3.01 -7.69
N ALA A 120 -21.20 2.76 -8.79
CA ALA A 120 -20.60 1.43 -9.03
C ALA A 120 -19.17 1.55 -9.53
N ILE A 121 -18.34 0.53 -9.26
CA ILE A 121 -16.92 0.51 -9.75
C ILE A 121 -16.71 -0.74 -10.61
N GLY A 122 -16.10 -0.58 -11.79
CA GLY A 122 -15.85 -1.72 -12.69
C GLY A 122 -14.90 -2.72 -12.08
N ARG A 123 -15.15 -4.02 -12.26
CA ARG A 123 -14.31 -5.04 -11.59
C ARG A 123 -13.57 -5.93 -12.59
N GLN A 124 -14.28 -6.60 -13.52
CA GLN A 124 -13.59 -7.59 -14.41
C GLN A 124 -13.99 -7.44 -15.87
N ARG A 125 -13.03 -7.60 -16.80
CA ARG A 125 -13.33 -7.56 -18.25
C ARG A 125 -14.02 -8.85 -18.67
N PHE A 126 -14.81 -8.80 -19.75
CA PHE A 126 -15.48 -10.04 -20.25
C PHE A 126 -15.65 -10.02 -21.76
N LYS A 127 -16.04 -11.17 -22.33
CA LYS A 127 -16.34 -11.26 -23.75
C LYS A 127 -17.80 -11.71 -23.90
N VAL A 128 -18.59 -10.93 -24.65
CA VAL A 128 -19.98 -11.31 -24.89
C VAL A 128 -20.04 -12.59 -25.69
N LEU A 129 -20.81 -13.56 -25.20
CA LEU A 129 -21.06 -14.79 -25.94
C LEU A 129 -22.43 -14.82 -26.59
N GLU A 130 -23.46 -14.36 -25.88
CA GLU A 130 -24.81 -14.25 -26.44
C GLU A 130 -25.61 -13.28 -25.59
N LEU A 131 -26.57 -12.62 -26.22
CA LEU A 131 -27.42 -11.64 -25.55
C LEU A 131 -28.85 -11.84 -26.01
N ARG A 132 -29.72 -12.27 -25.10
CA ARG A 132 -31.13 -12.47 -25.39
C ARG A 132 -31.96 -11.40 -24.70
N THR A 133 -33.07 -11.04 -25.33
CA THR A 133 -33.96 -10.02 -24.77
C THR A 133 -34.92 -10.67 -23.79
N GLN A 134 -34.94 -10.16 -22.56
CA GLN A 134 -35.80 -10.71 -21.53
C GLN A 134 -37.27 -10.41 -21.84
N SER A 135 -38.17 -11.11 -21.13
CA SER A 135 -39.59 -10.90 -21.31
C SER A 135 -40.00 -9.47 -20.97
N ASP A 136 -39.33 -8.84 -20.01
CA ASP A 136 -39.55 -7.44 -19.71
C ASP A 136 -38.79 -6.51 -20.65
N GLY A 137 -38.09 -7.06 -21.64
CA GLY A 137 -37.35 -6.26 -22.59
C GLY A 137 -36.00 -5.77 -22.11
N ILE A 138 -35.52 -6.28 -20.98
CA ILE A 138 -34.25 -5.85 -20.41
C ILE A 138 -33.24 -6.98 -20.63
N GLN A 139 -32.42 -6.83 -21.67
CA GLN A 139 -31.60 -7.93 -22.15
C GLN A 139 -30.62 -8.40 -21.08
N GLN A 140 -30.55 -9.72 -20.90
CA GLN A 140 -29.54 -10.36 -20.07
C GLN A 140 -28.50 -11.01 -20.97
N ALA A 141 -27.23 -10.89 -20.59
CA ALA A 141 -26.11 -11.28 -21.45
C ALA A 141 -25.33 -12.42 -20.81
N LYS A 142 -25.05 -13.46 -21.60
CA LYS A 142 -24.17 -14.54 -21.20
C LYS A 142 -22.76 -14.19 -21.68
N VAL A 143 -21.80 -14.15 -20.73
CA VAL A 143 -20.46 -13.67 -20.99
C VAL A 143 -19.46 -14.66 -20.38
N GLN A 144 -18.20 -14.50 -20.77
CA GLN A 144 -17.11 -15.31 -20.21
C GLN A 144 -16.05 -14.38 -19.67
N ILE A 145 -15.67 -14.56 -18.40
CA ILE A 145 -14.63 -13.71 -17.75
C ILE A 145 -13.29 -13.93 -18.47
N LEU A 146 -12.51 -12.86 -18.63
CA LEU A 146 -11.22 -12.97 -19.37
C LEU A 146 -10.06 -12.89 -18.39
N PRO A 147 -9.05 -13.79 -18.49
CA PRO A 147 -7.86 -13.73 -17.63
C PRO A 147 -6.96 -12.54 -17.98
N GLU A 148 -6.21 -12.04 -17.00
CA GLU A 148 -5.30 -10.89 -17.24
C GLU A 148 -3.85 -11.38 -17.31
N ALA A 153 7.66 -4.67 -15.61
CA ALA A 153 7.45 -3.58 -16.54
C ALA A 153 7.69 -2.24 -15.86
N GLU A 154 8.60 -2.24 -14.88
CA GLU A 154 8.88 -1.03 -14.11
C GLU A 154 9.45 0.07 -14.99
N THR A 155 10.34 -0.29 -15.93
CA THR A 155 10.89 0.70 -16.84
C THR A 155 9.81 1.35 -17.67
N LEU A 156 8.78 0.58 -18.04
CA LEU A 156 7.72 1.12 -18.89
C LEU A 156 6.91 2.19 -18.17
N MET A 157 6.57 1.95 -16.90
CA MET A 157 5.82 2.96 -16.14
C MET A 157 6.61 4.24 -16.01
N ASP A 158 7.93 4.12 -15.81
CA ASP A 158 8.81 5.28 -15.71
C ASP A 158 8.61 6.20 -16.91
N ARG A 159 8.78 5.65 -18.13
CA ARG A 159 8.69 6.47 -19.33
C ARG A 159 7.32 7.10 -19.48
N ILE A 160 6.27 6.35 -19.14
CA ILE A 160 4.91 6.90 -19.20
C ILE A 160 4.73 7.99 -18.16
N LYS A 161 5.17 7.75 -16.92
CA LYS A 161 5.03 8.74 -15.88
C LYS A 161 5.86 9.98 -16.19
N LYS A 162 7.03 9.79 -16.81
CA LYS A 162 7.85 10.93 -17.20
C LYS A 162 7.13 11.81 -18.21
N GLN A 163 6.64 11.21 -19.30
CA GLN A 163 5.93 11.99 -20.30
C GLN A 163 4.66 12.61 -19.71
N LEU A 164 3.92 11.85 -18.91
CA LEU A 164 2.72 12.39 -18.28
C LEU A 164 3.03 13.63 -17.44
N ARG A 165 4.19 13.63 -16.77
CA ARG A 165 4.60 14.81 -16.02
C ARG A 165 4.87 16.00 -16.92
N GLU A 166 5.37 15.76 -18.14
CA GLU A 166 5.57 16.84 -19.08
C GLU A 166 4.25 17.45 -19.52
N TRP A 167 3.18 16.65 -19.56
CA TRP A 167 1.88 17.17 -19.95
C TRP A 167 1.26 18.00 -18.82
N ASP A 168 1.49 17.60 -17.57
CA ASP A 168 0.91 18.30 -16.43
C ASP A 168 1.85 18.14 -15.24
N GLU A 169 2.41 19.27 -14.78
CA GLU A 169 3.30 19.34 -13.61
C GLU A 169 4.27 18.16 -13.51
N ASP A 174 2.76 11.03 -6.71
CA ASP A 174 2.42 9.67 -6.34
C ASP A 174 0.91 9.42 -6.46
N SER A 175 0.25 10.25 -7.28
CA SER A 175 -1.18 10.09 -7.47
C SER A 175 -1.50 8.86 -8.31
N LEU A 176 -0.57 8.45 -9.16
CA LEU A 176 -0.83 7.32 -10.05
C LEU A 176 -0.66 6.00 -9.30
N PRO A 177 -1.50 5.00 -9.59
CA PRO A 177 -1.35 3.69 -8.94
C PRO A 177 0.03 3.11 -9.16
N SER A 178 0.39 2.20 -8.24
CA SER A 178 1.69 1.54 -8.29
C SER A 178 1.67 0.16 -8.93
N ASN A 179 0.53 -0.53 -8.87
CA ASN A 179 0.45 -1.88 -9.43
C ASN A 179 0.36 -1.82 -10.95
N PRO A 180 0.90 -2.82 -11.71
CA PRO A 180 0.91 -2.74 -13.17
C PRO A 180 -0.49 -2.67 -13.79
N ILE A 181 -1.36 -3.61 -13.41
CA ILE A 181 -2.73 -3.65 -14.00
C ILE A 181 -3.45 -2.34 -13.65
N ASP A 182 -3.25 -1.84 -12.44
CA ASP A 182 -3.93 -0.60 -11.99
C ASP A 182 -3.43 0.60 -12.79
N PHE A 183 -2.13 0.66 -13.09
CA PHE A 183 -1.58 1.81 -13.79
C PHE A 183 -2.00 1.83 -15.26
N SER A 184 -2.05 0.64 -15.88
CA SER A 184 -2.48 0.56 -17.30
C SER A 184 -3.89 1.10 -17.44
N TYR A 185 -4.81 0.68 -16.57
CA TYR A 185 -6.22 1.13 -16.67
C TYR A 185 -6.34 2.64 -16.44
N TRP A 186 -5.61 3.18 -15.47
CA TRP A 186 -5.64 4.63 -15.19
C TRP A 186 -5.32 5.38 -16.48
N VAL A 187 -4.21 5.03 -17.14
CA VAL A 187 -3.80 5.73 -18.35
C VAL A 187 -4.86 5.60 -19.43
N ALA A 188 -5.41 4.39 -19.60
CA ALA A 188 -6.39 4.17 -20.66
C ALA A 188 -7.64 5.02 -20.46
N ALA A 189 -8.08 5.17 -19.21
CA ALA A 189 -9.30 5.93 -18.96
C ALA A 189 -9.08 7.43 -19.11
N ASN A 190 -7.89 7.93 -18.77
CA ASN A 190 -7.63 9.37 -18.74
C ASN A 190 -6.86 9.87 -19.96
N LEU A 191 -6.56 8.99 -20.92
CA LEU A 191 -5.91 9.43 -22.15
C LEU A 191 -6.92 10.12 -23.05
N PRO A 192 -6.52 11.19 -23.76
CA PRO A 192 -7.45 11.88 -24.69
C PRO A 192 -7.46 11.22 -26.07
N ILE A 193 -8.03 10.03 -26.14
CA ILE A 193 -7.98 9.19 -27.33
C ILE A 193 -9.41 8.92 -27.81
N ASP A 194 -9.51 8.38 -29.02
CA ASP A 194 -10.79 7.98 -29.57
C ASP A 194 -11.27 6.70 -28.90
N ASP A 195 -12.60 6.52 -28.88
CA ASP A 195 -13.19 5.33 -28.26
C ASP A 195 -12.82 4.05 -28.99
N SER A 196 -12.41 4.15 -30.25
CA SER A 196 -11.93 2.96 -30.95
C SER A 196 -10.66 2.43 -30.32
N LEU A 197 -9.77 3.31 -29.87
CA LEU A 197 -8.55 2.88 -29.21
C LEU A 197 -8.83 2.37 -27.80
N ARG A 198 -9.90 2.88 -27.16
CA ARG A 198 -10.30 2.36 -25.86
C ARG A 198 -10.69 0.89 -25.96
N ILE A 199 -11.48 0.53 -26.97
CA ILE A 199 -11.88 -0.86 -27.16
C ILE A 199 -10.67 -1.74 -27.44
N GLN A 200 -9.72 -1.22 -28.23
CA GLN A 200 -8.54 -2.00 -28.57
C GLN A 200 -7.69 -2.29 -27.32
N LEU A 201 -7.54 -1.29 -26.44
CA LEU A 201 -6.78 -1.50 -25.22
C LEU A 201 -7.50 -2.47 -24.28
N LEU A 202 -8.83 -2.42 -24.27
CA LEU A 202 -9.59 -3.36 -23.43
C LEU A 202 -9.43 -4.79 -23.93
N LYS A 203 -9.38 -4.98 -25.25
CA LYS A 203 -9.20 -6.31 -25.81
C LYS A 203 -7.83 -6.89 -25.45
N ILE A 204 -6.89 -6.05 -25.01
CA ILE A 204 -5.52 -6.54 -24.67
C ILE A 204 -5.53 -7.18 -23.28
N ASP A 205 -5.44 -8.52 -23.22
CA ASP A 205 -5.50 -9.24 -21.92
C ASP A 205 -4.29 -8.94 -21.02
N SER A 206 -3.07 -8.95 -21.56
CA SER A 206 -1.85 -8.77 -20.72
C SER A 206 -1.62 -7.28 -20.41
N ALA A 207 -0.90 -6.98 -19.33
CA ALA A 207 -0.64 -5.57 -18.93
C ALA A 207 0.61 -5.04 -19.65
N ILE A 208 1.56 -5.91 -19.99
CA ILE A 208 2.80 -5.48 -20.60
C ILE A 208 2.55 -4.89 -21.98
N GLN A 209 1.76 -5.61 -22.79
CA GLN A 209 1.48 -5.16 -24.17
C GLN A 209 0.64 -3.87 -24.08
N ARG A 210 -0.26 -3.81 -23.09
CA ARG A 210 -1.15 -2.62 -22.93
C ARG A 210 -0.29 -1.39 -22.63
N LEU A 211 0.73 -1.53 -21.77
CA LEU A 211 1.57 -0.38 -21.37
C LEU A 211 2.41 0.09 -22.56
N ARG A 212 2.95 -0.86 -23.34
CA ARG A 212 3.77 -0.49 -24.50
C ARG A 212 2.94 0.20 -25.56
N CYS A 213 1.69 -0.23 -25.76
CA CYS A 213 0.83 0.43 -26.75
C CYS A 213 0.36 1.79 -26.26
N GLU A 214 0.17 1.96 -24.95
CA GLU A 214 -0.18 3.27 -24.42
C GLU A 214 0.95 4.27 -24.63
N LEU A 215 2.20 3.81 -24.49
CA LEU A 215 3.35 4.68 -24.73
C LEU A 215 3.37 5.15 -26.19
N ASP A 216 3.10 4.24 -27.13
CA ASP A 216 3.10 4.61 -28.53
C ASP A 216 1.94 5.55 -28.85
N ILE A 217 0.78 5.32 -28.23
CA ILE A 217 -0.40 6.14 -28.52
C ILE A 217 -0.23 7.55 -27.97
N MET A 218 0.43 7.69 -26.82
CA MET A 218 0.56 9.00 -26.19
C MET A 218 1.63 9.86 -26.87
N ASN A 219 2.65 9.24 -27.46
CA ASN A 219 3.70 10.02 -28.10
C ASN A 219 3.16 10.79 -29.29
N LYS A 220 2.29 10.16 -30.07
CA LYS A 220 1.64 10.79 -31.21
C LYS A 220 0.22 11.14 -30.80
N CYS A 221 0.01 12.41 -30.44
CA CYS A 221 -1.28 12.88 -29.96
C CYS A 221 -1.68 14.13 -30.75
N THR A 222 -2.98 14.25 -31.01
CA THR A 222 -3.52 15.35 -31.81
C THR A 222 -4.44 16.22 -30.96
N SER A 223 -4.58 17.47 -31.37
CA SER A 223 -5.47 18.39 -30.69
C SER A 223 -6.94 17.99 -30.93
N LEU A 224 -7.82 18.62 -30.16
CA LEU A 224 -9.24 18.29 -30.20
C LEU A 224 -10.04 19.48 -30.74
N CYS A 225 -11.02 19.18 -31.59
CA CYS A 225 -11.94 20.16 -32.14
C CYS A 225 -13.37 19.69 -31.88
N CYS A 226 -14.33 20.50 -32.27
CA CYS A 226 -15.73 20.15 -32.07
C CYS A 226 -16.18 19.14 -33.11
N LYS A 227 -17.11 18.28 -32.71
CA LYS A 227 -17.54 17.18 -33.57
C LYS A 227 -18.50 17.65 -34.67
N GLN A 228 -19.29 18.70 -34.39
CA GLN A 228 -20.35 19.07 -35.33
C GLN A 228 -19.77 19.75 -36.57
N CYS A 229 -18.98 20.81 -36.41
CA CYS A 229 -18.45 21.54 -37.54
C CYS A 229 -16.97 21.30 -37.81
N GLN A 230 -16.23 20.76 -36.85
CA GLN A 230 -14.83 20.34 -37.05
C GLN A 230 -13.99 21.46 -37.67
N GLU A 231 -14.17 22.68 -37.19
CA GLU A 231 -13.49 23.83 -37.74
C GLU A 231 -12.74 24.66 -36.71
N THR A 232 -12.87 24.38 -35.41
CA THR A 232 -12.28 25.18 -34.36
C THR A 232 -11.48 24.28 -33.42
N GLU A 233 -10.17 24.46 -33.39
CA GLU A 233 -9.33 23.76 -32.43
C GLU A 233 -9.63 24.26 -31.02
N ILE A 234 -9.92 23.34 -30.11
CA ILE A 234 -10.36 23.69 -28.76
C ILE A 234 -9.20 23.70 -27.78
N THR A 235 -8.47 22.58 -27.67
CA THR A 235 -7.42 22.47 -26.66
C THR A 235 -6.41 21.43 -27.11
N THR A 236 -5.33 21.30 -26.33
CA THR A 236 -4.24 20.39 -26.61
C THR A 236 -3.96 19.56 -25.35
N LYS A 237 -3.19 18.48 -25.53
CA LYS A 237 -2.83 17.59 -24.44
C LYS A 237 -1.96 18.27 -23.38
N ASN A 238 -1.37 19.42 -23.68
CA ASN A 238 -0.53 20.11 -22.72
C ASN A 238 -1.34 20.93 -21.72
N GLU A 239 -2.60 21.25 -22.04
CA GLU A 239 -3.46 22.00 -21.14
C GLU A 239 -4.20 21.11 -20.14
N ILE A 240 -3.99 19.80 -20.20
CA ILE A 240 -4.69 18.88 -19.32
C ILE A 240 -4.13 18.98 -17.91
N PHE A 241 -5.03 18.97 -16.93
CA PHE A 241 -4.63 18.92 -15.53
C PHE A 241 -5.67 18.12 -14.75
N SER A 242 -5.25 17.58 -13.61
CA SER A 242 -6.06 16.67 -12.81
C SER A 242 -6.55 17.39 -11.57
N LEU A 243 -7.84 17.72 -11.55
CA LEU A 243 -8.47 18.33 -10.38
C LEU A 243 -9.09 17.30 -9.45
N SER A 244 -9.07 16.02 -9.81
CA SER A 244 -9.69 14.97 -9.03
C SER A 244 -8.69 13.84 -8.80
N ARG A 245 -8.97 13.05 -7.77
CA ARG A 245 -8.11 11.90 -7.47
C ARG A 245 -8.18 10.86 -8.57
N GLU A 246 -9.33 10.71 -9.23
CA GLU A 246 -9.43 9.76 -10.34
C GLU A 246 -8.60 10.19 -11.53
N GLY A 247 -8.48 11.50 -11.76
CA GLY A 247 -7.64 12.00 -12.82
C GLY A 247 -8.30 13.09 -13.64
N PRO A 248 -7.72 13.38 -14.81
CA PRO A 248 -8.30 14.45 -15.65
C PRO A 248 -9.66 14.12 -16.21
N MET A 249 -9.91 12.87 -16.59
CA MET A 249 -11.18 12.45 -17.16
C MET A 249 -11.94 11.62 -16.13
N ALA A 250 -13.06 12.15 -15.65
CA ALA A 250 -13.92 11.46 -14.69
C ALA A 250 -15.37 11.59 -15.15
N ALA A 251 -16.22 10.75 -14.58
CA ALA A 251 -17.61 10.64 -14.99
C ALA A 251 -18.51 11.30 -13.96
N TYR A 252 -19.41 12.16 -14.43
CA TYR A 252 -20.41 12.83 -13.59
C TYR A 252 -21.74 12.82 -14.32
N VAL A 253 -22.82 12.83 -13.54
CA VAL A 253 -24.17 12.69 -14.07
C VAL A 253 -24.94 13.98 -13.83
N ASN A 254 -25.71 14.40 -14.82
CA ASN A 254 -26.53 15.59 -14.72
C ASN A 254 -27.87 15.26 -14.05
N PRO A 255 -28.62 16.27 -13.60
CA PRO A 255 -29.85 15.97 -12.83
C PRO A 255 -30.88 15.14 -13.59
N HIS A 256 -30.95 15.26 -14.91
CA HIS A 256 -31.96 14.49 -15.66
C HIS A 256 -31.59 13.02 -15.82
N GLY A 257 -30.32 12.67 -15.65
CA GLY A 257 -29.90 11.27 -15.66
C GLY A 257 -28.83 10.91 -16.68
N TYR A 258 -28.33 11.86 -17.45
CA TYR A 258 -27.32 11.59 -18.48
C TYR A 258 -25.93 11.77 -17.87
N VAL A 259 -25.07 10.77 -18.03
CA VAL A 259 -23.73 10.79 -17.46
C VAL A 259 -22.77 11.43 -18.44
N HIS A 260 -21.90 12.31 -17.93
CA HIS A 260 -20.91 13.01 -18.74
C HIS A 260 -19.52 12.64 -18.27
N GLU A 261 -18.62 12.41 -19.24
CA GLU A 261 -17.20 12.22 -18.96
C GLU A 261 -16.49 13.53 -19.29
N ILE A 262 -16.06 14.24 -18.25
CA ILE A 262 -15.58 15.62 -18.38
C ILE A 262 -14.06 15.63 -18.33
N LEU A 263 -13.45 16.32 -19.29
CA LEU A 263 -12.01 16.55 -19.33
C LEU A 263 -11.71 17.92 -18.74
N THR A 264 -10.82 17.96 -17.75
CA THR A 264 -10.48 19.18 -17.05
C THR A 264 -9.19 19.75 -17.65
N VAL A 265 -9.31 20.92 -18.28
CA VAL A 265 -8.17 21.60 -18.88
C VAL A 265 -8.09 23.01 -18.30
N TYR A 266 -6.89 23.59 -18.38
CA TYR A 266 -6.65 24.90 -17.80
C TYR A 266 -6.99 26.05 -18.74
N LYS A 267 -6.91 25.84 -20.05
CA LYS A 267 -7.18 26.90 -21.01
C LYS A 267 -7.78 26.31 -22.27
N ALA A 268 -8.77 27.03 -22.83
CA ALA A 268 -9.43 26.62 -24.05
C ALA A 268 -9.75 27.87 -24.87
N CYS A 269 -9.92 27.66 -26.18
CA CYS A 269 -10.12 28.75 -27.13
C CYS A 269 -11.39 28.54 -27.92
N ASN A 270 -11.80 29.60 -28.64
CA ASN A 270 -12.89 29.56 -29.60
C ASN A 270 -14.22 29.16 -28.95
N LEU A 271 -14.48 29.69 -27.77
CA LEU A 271 -15.70 29.35 -27.03
C LEU A 271 -16.27 30.59 -26.39
N ASN A 272 -17.57 30.82 -26.60
CA ASN A 272 -18.29 31.95 -26.03
C ASN A 272 -19.09 31.50 -24.82
N LEU A 273 -19.13 32.34 -23.80
CA LEU A 273 -19.81 32.03 -22.54
C LEU A 273 -21.18 32.70 -22.54
N ILE A 274 -22.23 31.90 -22.34
CA ILE A 274 -23.61 32.37 -22.38
C ILE A 274 -24.20 32.24 -20.99
N GLY A 275 -24.68 33.34 -20.44
CA GLY A 275 -25.32 33.34 -19.14
C GLY A 275 -24.42 33.84 -18.04
N ARG A 276 -24.92 33.68 -16.80
CA ARG A 276 -24.23 34.10 -15.60
C ARG A 276 -23.83 32.90 -14.76
N PRO A 277 -22.75 33.01 -13.97
CA PRO A 277 -22.27 31.85 -13.21
C PRO A 277 -23.25 31.43 -12.12
N SER A 278 -23.44 30.12 -11.99
CA SER A 278 -24.33 29.54 -11.00
C SER A 278 -23.71 28.27 -10.44
N THR A 279 -24.14 27.91 -9.22
CA THR A 279 -23.55 26.80 -8.49
C THR A 279 -24.49 25.60 -8.34
N GLU A 280 -25.65 25.63 -9.00
CA GLU A 280 -26.62 24.56 -8.85
C GLU A 280 -26.10 23.27 -9.48
N HIS A 281 -26.11 22.19 -8.69
CA HIS A 281 -25.71 20.85 -9.16
C HIS A 281 -24.26 20.84 -9.62
N SER A 282 -23.41 21.57 -8.90
CA SER A 282 -22.00 21.68 -9.27
C SER A 282 -21.29 20.37 -8.97
N TRP A 283 -20.71 19.76 -10.01
CA TRP A 283 -19.95 18.52 -9.82
C TRP A 283 -18.69 18.75 -9.00
N PHE A 284 -18.21 19.99 -8.95
CA PHE A 284 -17.08 20.36 -8.09
C PHE A 284 -17.58 21.39 -7.11
N PRO A 285 -17.99 21.01 -5.90
CA PRO A 285 -18.39 21.97 -4.87
C PRO A 285 -17.36 23.08 -4.74
N GLY A 286 -17.84 24.29 -4.46
CA GLY A 286 -16.96 25.43 -4.39
C GLY A 286 -16.76 26.20 -5.69
N TYR A 287 -17.45 25.81 -6.77
CA TYR A 287 -17.23 26.40 -8.07
C TYR A 287 -18.56 26.64 -8.78
N ALA A 288 -18.55 27.57 -9.73
CA ALA A 288 -19.74 27.96 -10.48
C ALA A 288 -19.51 27.75 -11.97
N TRP A 289 -20.55 27.30 -12.68
CA TRP A 289 -20.45 26.89 -14.07
C TRP A 289 -21.18 27.85 -14.98
N THR A 290 -20.58 28.11 -16.15
CA THR A 290 -21.18 28.94 -17.19
C THR A 290 -21.08 28.20 -18.52
N VAL A 291 -22.21 28.09 -19.22
CA VAL A 291 -22.28 27.29 -20.44
C VAL A 291 -21.41 27.91 -21.53
N ALA A 292 -20.61 27.09 -22.20
CA ALA A 292 -19.73 27.51 -23.27
C ALA A 292 -20.09 26.77 -24.55
N GLN A 293 -20.00 27.47 -25.69
CA GLN A 293 -20.37 26.89 -26.97
C GLN A 293 -19.38 27.34 -28.04
N CYS A 294 -19.34 26.59 -29.14
CA CYS A 294 -18.42 26.88 -30.23
C CYS A 294 -18.84 28.14 -30.98
N LYS A 295 -17.86 28.91 -31.43
CA LYS A 295 -18.12 30.15 -32.15
C LYS A 295 -18.58 29.93 -33.58
N ILE A 296 -18.62 28.69 -34.07
CA ILE A 296 -19.04 28.38 -35.44
C ILE A 296 -20.34 27.57 -35.45
N CYS A 297 -20.30 26.36 -34.87
CA CYS A 297 -21.48 25.50 -34.85
C CYS A 297 -22.38 25.71 -33.65
N ALA A 298 -21.85 26.33 -32.58
CA ALA A 298 -22.61 26.57 -31.35
C ALA A 298 -23.16 25.26 -30.78
N SER A 299 -22.24 24.35 -30.47
CA SER A 299 -22.59 22.98 -30.09
C SER A 299 -22.55 22.74 -28.60
N HIS A 300 -22.27 23.75 -27.79
CA HIS A 300 -22.30 23.65 -26.33
C HIS A 300 -21.29 22.61 -25.85
N ILE A 301 -20.00 22.89 -26.12
CA ILE A 301 -18.96 21.90 -25.87
C ILE A 301 -18.87 21.56 -24.39
N GLY A 302 -18.69 22.59 -23.55
CA GLY A 302 -18.58 22.34 -22.12
C GLY A 302 -18.99 23.52 -21.26
N TRP A 303 -18.65 23.45 -19.97
CA TRP A 303 -18.95 24.51 -19.02
C TRP A 303 -17.64 25.01 -18.42
N LYS A 304 -17.53 26.32 -18.28
CA LYS A 304 -16.37 26.95 -17.66
C LYS A 304 -16.65 27.16 -16.18
N PHE A 305 -15.70 26.78 -15.34
CA PHE A 305 -15.89 26.78 -13.89
C PHE A 305 -15.17 27.96 -13.26
N THR A 306 -15.92 28.75 -12.48
CA THR A 306 -15.39 29.92 -11.79
C THR A 306 -15.56 29.75 -10.29
N ALA A 307 -14.50 29.98 -9.54
CA ALA A 307 -14.51 29.76 -8.11
C ALA A 307 -15.36 30.82 -7.40
N THR A 308 -15.79 30.49 -6.19
CA THR A 308 -16.58 31.40 -5.36
C THR A 308 -15.79 32.05 -4.24
N LYS A 309 -14.63 31.49 -3.88
CA LYS A 309 -13.79 32.03 -2.83
C LYS A 309 -12.44 32.43 -3.42
N LYS A 310 -11.90 33.55 -2.93
CA LYS A 310 -10.61 34.03 -3.41
C LYS A 310 -9.44 33.18 -2.93
N ASP A 311 -9.67 32.27 -1.98
CA ASP A 311 -8.58 31.46 -1.43
C ASP A 311 -8.20 30.30 -2.33
N MET A 312 -9.08 29.88 -3.24
CA MET A 312 -8.77 28.78 -4.14
C MET A 312 -7.82 29.26 -5.22
N SER A 313 -6.66 28.60 -5.34
CA SER A 313 -5.68 29.02 -6.35
C SER A 313 -6.18 28.77 -7.77
N PRO A 314 -6.72 27.59 -8.12
CA PRO A 314 -7.33 27.45 -9.46
C PRO A 314 -8.66 28.18 -9.54
N GLN A 315 -8.61 29.48 -9.87
CA GLN A 315 -9.83 30.28 -9.90
C GLN A 315 -10.72 29.90 -11.07
N LYS A 316 -10.13 29.51 -12.20
CA LYS A 316 -10.92 29.17 -13.39
C LYS A 316 -10.27 27.97 -14.07
N PHE A 317 -11.04 26.90 -14.24
CA PHE A 317 -10.59 25.73 -14.99
C PHE A 317 -11.73 25.25 -15.88
N TRP A 318 -11.41 24.94 -17.13
CA TRP A 318 -12.41 24.55 -18.10
C TRP A 318 -12.85 23.10 -17.90
N GLY A 319 -14.07 22.81 -18.30
CA GLY A 319 -14.61 21.46 -18.23
C GLY A 319 -15.33 21.06 -19.51
N LEU A 320 -14.75 20.15 -20.28
CA LEU A 320 -15.22 19.81 -21.61
C LEU A 320 -15.81 18.42 -21.63
N THR A 321 -16.88 18.25 -22.42
CA THR A 321 -17.51 16.94 -22.59
C THR A 321 -16.82 16.17 -23.70
N ARG A 322 -16.39 14.94 -23.39
CA ARG A 322 -15.68 14.12 -24.36
C ARG A 322 -16.57 13.81 -25.57
N SER A 323 -17.88 13.76 -25.38
CA SER A 323 -18.78 13.38 -26.46
C SER A 323 -18.80 14.38 -27.60
N ALA A 324 -18.44 15.63 -27.35
CA ALA A 324 -18.50 16.69 -28.35
C ALA A 324 -17.15 16.99 -28.97
N LEU A 325 -16.14 16.14 -28.75
CA LEU A 325 -14.80 16.36 -29.26
C LEU A 325 -14.39 15.23 -30.19
N ILE A 326 -13.52 15.55 -31.14
CA ILE A 326 -12.94 14.56 -32.05
C ILE A 326 -11.49 14.94 -32.31
N PRO A 327 -10.54 14.04 -32.09
CA PRO A 327 -9.13 14.38 -32.32
C PRO A 327 -8.88 14.76 -33.77
N THR A 328 -7.97 15.71 -33.96
CA THR A 328 -7.69 16.25 -35.27
C THR A 328 -6.75 15.35 -36.07
N ASP B 7 -50.69 37.75 -12.77
CA ASP B 7 -50.79 37.17 -11.45
C ASP B 7 -51.97 36.22 -11.36
N SER B 8 -52.09 35.33 -12.33
CA SER B 8 -53.16 34.34 -12.37
C SER B 8 -52.72 33.18 -13.26
N GLN B 9 -52.94 31.95 -12.80
CA GLN B 9 -52.47 30.76 -13.54
C GLN B 9 -53.45 30.39 -14.65
N GLN B 10 -52.94 30.00 -15.82
CA GLN B 10 -53.81 29.58 -16.95
C GLN B 10 -54.43 28.22 -16.64
N HIS B 11 -55.58 27.91 -17.25
CA HIS B 11 -56.29 26.63 -17.00
C HIS B 11 -55.38 25.43 -17.30
N PRO B 12 -54.97 24.57 -16.32
CA PRO B 12 -54.16 23.40 -16.69
C PRO B 12 -55.00 22.20 -17.08
N ALA B 13 -56.23 22.10 -16.56
CA ALA B 13 -57.07 20.95 -16.82
C ALA B 13 -58.55 21.34 -16.78
N PRO B 14 -59.35 20.94 -17.76
CA PRO B 14 -60.78 21.27 -17.75
C PRO B 14 -61.64 20.15 -17.19
N GLU B 15 -62.95 20.36 -17.18
CA GLU B 15 -63.89 19.36 -16.67
C GLU B 15 -65.03 19.02 -17.63
N LYS B 16 -65.33 19.88 -18.60
CA LYS B 16 -66.45 19.66 -19.50
C LYS B 16 -66.05 19.34 -20.94
N SER B 17 -64.78 19.47 -21.28
CA SER B 17 -64.35 19.27 -22.66
C SER B 17 -64.30 17.79 -23.02
N SER B 18 -64.36 17.52 -24.32
CA SER B 18 -64.23 16.17 -24.83
C SER B 18 -62.78 15.70 -24.70
N LYS B 19 -62.55 14.42 -25.04
CA LYS B 19 -61.19 13.84 -24.88
C LYS B 19 -60.84 12.94 -26.06
N VAL B 20 -59.68 13.16 -26.69
CA VAL B 20 -59.21 12.32 -27.84
C VAL B 20 -57.74 11.99 -27.54
N SER B 21 -57.23 10.88 -28.09
CA SER B 21 -55.83 10.48 -27.85
C SER B 21 -55.13 10.06 -29.16
N GLU B 22 -54.73 11.04 -29.98
CA GLU B 22 -54.03 10.75 -31.23
C GLU B 22 -53.02 11.84 -31.51
N GLN B 23 -51.77 11.42 -31.77
CA GLN B 23 -50.64 12.30 -32.09
C GLN B 23 -50.17 13.16 -30.92
N LEU B 24 -50.96 13.21 -29.84
CA LEU B 24 -50.50 13.93 -28.66
C LEU B 24 -49.41 13.17 -27.94
N LYS B 25 -49.30 11.86 -28.19
CA LYS B 25 -48.18 11.09 -27.68
C LYS B 25 -46.87 11.54 -28.31
N CYS B 26 -46.89 11.83 -29.61
CA CYS B 26 -45.70 12.34 -30.27
C CYS B 26 -45.30 13.70 -29.70
N CYS B 27 -46.28 14.54 -29.36
CA CYS B 27 -45.98 15.84 -28.76
C CYS B 27 -45.37 15.68 -27.38
N SER B 28 -45.69 14.60 -26.67
CA SER B 28 -45.06 14.35 -25.38
C SER B 28 -43.58 14.01 -25.54
N GLY B 29 -43.22 13.34 -26.64
CA GLY B 29 -41.81 13.12 -26.91
C GLY B 29 -41.09 14.41 -27.26
N ILE B 30 -41.77 15.33 -27.94
CA ILE B 30 -41.18 16.63 -28.25
C ILE B 30 -40.96 17.42 -26.97
N LEU B 31 -41.97 17.48 -26.11
CA LEU B 31 -41.84 18.18 -24.84
C LEU B 31 -40.73 17.57 -23.99
N LYS B 32 -40.58 16.25 -24.04
CA LYS B 32 -39.52 15.59 -23.28
C LYS B 32 -38.14 16.03 -23.76
N GLU B 33 -37.99 16.33 -25.05
CA GLU B 33 -36.69 16.77 -25.56
C GLU B 33 -36.36 18.19 -25.12
N MET B 34 -37.38 19.05 -24.98
CA MET B 34 -37.14 20.43 -24.55
C MET B 34 -37.06 20.53 -23.03
N PHE B 35 -37.98 19.87 -22.33
CA PHE B 35 -37.96 19.87 -20.88
C PHE B 35 -36.62 19.36 -20.34
N ALA B 36 -36.08 18.32 -20.96
CA ALA B 36 -34.81 17.75 -20.55
C ALA B 36 -33.79 17.86 -21.68
N HIS B 39 -30.95 23.13 -24.60
CA HIS B 39 -32.18 22.40 -24.32
C HIS B 39 -32.60 22.56 -22.86
N ALA B 40 -32.25 21.57 -22.03
CA ALA B 40 -32.54 21.65 -20.61
C ALA B 40 -31.74 22.77 -19.93
N ALA B 41 -30.64 23.21 -20.54
CA ALA B 41 -29.85 24.29 -19.97
C ALA B 41 -30.67 25.57 -19.89
N TYR B 42 -31.33 25.93 -20.98
CA TYR B 42 -32.11 27.16 -21.07
C TYR B 42 -33.58 26.94 -20.77
N ALA B 43 -33.94 25.77 -20.26
CA ALA B 43 -35.34 25.45 -20.02
C ALA B 43 -35.86 26.00 -18.69
N TRP B 44 -34.97 26.42 -17.79
CA TRP B 44 -35.47 26.84 -16.48
C TRP B 44 -36.20 28.18 -16.55
N PRO B 45 -35.88 29.10 -17.47
CA PRO B 45 -36.86 30.11 -17.81
C PRO B 45 -37.86 29.48 -18.77
N PHE B 46 -39.10 29.96 -18.72
CA PHE B 46 -40.24 29.37 -19.41
C PHE B 46 -40.65 28.02 -18.81
N TYR B 47 -39.99 27.57 -17.74
CA TYR B 47 -40.40 26.35 -17.05
C TYR B 47 -41.74 26.55 -16.35
N LYS B 48 -41.79 27.48 -15.41
CA LYS B 48 -42.93 27.77 -14.57
C LYS B 48 -43.47 29.17 -14.90
N PRO B 49 -44.70 29.48 -14.49
CA PRO B 49 -45.27 30.80 -14.80
C PRO B 49 -44.36 31.93 -14.36
N VAL B 50 -44.26 32.96 -15.22
CA VAL B 50 -43.39 34.09 -14.94
C VAL B 50 -43.85 34.78 -13.66
N ASP B 51 -42.89 35.05 -12.77
CA ASP B 51 -43.17 35.53 -11.42
C ASP B 51 -42.78 37.00 -11.34
N VAL B 52 -43.78 37.88 -11.24
CA VAL B 52 -43.53 39.31 -11.35
C VAL B 52 -43.04 39.90 -10.04
N GLU B 53 -43.52 39.41 -8.89
CA GLU B 53 -43.12 40.01 -7.63
C GLU B 53 -41.69 39.66 -7.25
N ALA B 54 -41.24 38.45 -7.59
CA ALA B 54 -39.86 38.06 -7.30
C ALA B 54 -38.87 38.71 -8.26
N LEU B 55 -39.28 38.92 -9.52
CA LEU B 55 -38.42 39.56 -10.50
C LEU B 55 -38.37 41.08 -10.36
N GLY B 56 -39.26 41.66 -9.55
CA GLY B 56 -39.29 43.10 -9.39
C GLY B 56 -39.99 43.81 -10.53
N LEU B 57 -39.95 43.22 -11.72
CA LEU B 57 -40.58 43.80 -12.90
C LEU B 57 -42.09 43.88 -12.72
N HIS B 58 -42.62 45.10 -12.61
CA HIS B 58 -44.04 45.34 -12.45
C HIS B 58 -44.69 45.79 -13.76
N ASP B 59 -44.16 45.35 -14.90
CA ASP B 59 -44.69 45.73 -16.20
C ASP B 59 -44.82 44.57 -17.17
N TYR B 60 -44.43 43.35 -16.76
CA TYR B 60 -44.44 42.23 -17.69
C TYR B 60 -45.86 41.85 -18.10
N CYS B 61 -46.75 41.65 -17.12
CA CYS B 61 -48.10 41.19 -17.43
C CYS B 61 -48.91 42.28 -18.14
N ASP B 62 -48.58 43.55 -17.91
CA ASP B 62 -49.23 44.61 -18.66
C ASP B 62 -48.82 44.59 -20.12
N ILE B 63 -47.60 44.15 -20.41
CA ILE B 63 -47.13 44.11 -21.79
C ILE B 63 -47.61 42.85 -22.50
N ILE B 64 -47.66 41.75 -21.75
CA ILE B 64 -48.06 40.43 -22.33
C ILE B 64 -49.38 39.98 -21.71
N LYS B 65 -50.49 40.12 -22.43
CA LYS B 65 -51.84 39.75 -21.92
C LYS B 65 -51.96 38.25 -21.67
N HIS B 66 -51.39 37.41 -22.53
CA HIS B 66 -51.59 35.95 -22.39
C HIS B 66 -50.38 35.26 -21.74
N PRO B 67 -50.52 34.52 -20.61
CA PRO B 67 -49.38 33.82 -20.06
C PRO B 67 -49.31 32.35 -20.50
N MET B 68 -48.24 31.96 -21.21
CA MET B 68 -48.07 30.53 -21.60
C MET B 68 -46.70 30.03 -21.15
N ASP B 69 -46.65 28.86 -20.53
CA ASP B 69 -45.38 28.28 -20.02
C ASP B 69 -45.33 26.80 -20.36
N MET B 70 -44.14 26.20 -20.38
CA MET B 70 -43.98 24.78 -20.77
C MET B 70 -44.78 23.86 -19.83
N SER B 71 -44.81 24.15 -18.52
CA SER B 71 -45.48 23.26 -17.59
C SER B 71 -46.99 23.30 -17.78
N THR B 72 -47.56 24.48 -18.03
CA THR B 72 -48.98 24.56 -18.36
C THR B 72 -49.30 23.72 -19.59
N ILE B 73 -48.46 23.82 -20.62
CA ILE B 73 -48.64 23.00 -21.82
C ILE B 73 -48.59 21.52 -21.46
N LYS B 74 -47.72 21.15 -20.52
CA LYS B 74 -47.62 19.75 -20.11
C LYS B 74 -48.89 19.27 -19.43
N SER B 75 -49.42 20.07 -18.49
CA SER B 75 -50.61 19.65 -17.76
C SER B 75 -51.81 19.52 -18.68
N LYS B 76 -51.96 20.42 -19.65
CA LYS B 76 -53.04 20.29 -20.62
C LYS B 76 -52.86 19.06 -21.51
N LEU B 77 -51.61 18.68 -21.78
CA LEU B 77 -51.36 17.50 -22.61
C LEU B 77 -51.71 16.21 -21.87
N GLU B 78 -51.70 16.22 -20.54
CA GLU B 78 -52.00 15.01 -19.77
C GLU B 78 -53.49 14.82 -19.56
N ALA B 79 -54.22 15.89 -19.23
CA ALA B 79 -55.68 15.82 -19.09
C ALA B 79 -56.40 15.74 -20.42
N ARG B 80 -55.64 15.61 -21.52
CA ARG B 80 -56.23 15.48 -22.89
C ARG B 80 -57.12 16.68 -23.20
N GLU B 81 -56.77 17.87 -22.71
CA GLU B 81 -57.55 19.10 -23.02
C GLU B 81 -57.47 19.38 -24.52
N TYR B 82 -56.28 19.26 -25.09
CA TYR B 82 -56.10 19.55 -26.54
C TYR B 82 -56.79 18.46 -27.36
N ARG B 83 -57.59 18.84 -28.36
CA ARG B 83 -58.17 17.81 -29.24
C ARG B 83 -57.43 17.84 -30.58
N ASP B 84 -56.76 18.97 -30.88
CA ASP B 84 -56.01 19.13 -32.15
C ASP B 84 -54.58 19.55 -31.82
N ALA B 85 -53.60 19.03 -32.56
CA ALA B 85 -52.17 19.35 -32.33
C ALA B 85 -51.92 20.84 -32.57
N GLN B 86 -52.56 21.42 -33.58
CA GLN B 86 -52.35 22.85 -33.90
C GLN B 86 -52.38 23.70 -32.63
N GLU B 87 -53.39 23.52 -31.77
CA GLU B 87 -53.50 24.35 -30.58
C GLU B 87 -52.24 24.28 -29.73
N PHE B 88 -51.58 23.12 -29.71
CA PHE B 88 -50.33 22.99 -28.96
C PHE B 88 -49.22 23.81 -29.60
N GLY B 89 -48.95 23.57 -30.88
CA GLY B 89 -47.91 24.31 -31.57
C GLY B 89 -48.12 25.81 -31.52
N ALA B 90 -49.38 26.24 -31.57
CA ALA B 90 -49.67 27.65 -31.40
C ALA B 90 -49.31 28.13 -30.00
N ASP B 91 -49.58 27.31 -28.99
CA ASP B 91 -49.27 27.69 -27.61
C ASP B 91 -47.77 27.72 -27.36
N VAL B 92 -47.03 26.76 -27.92
CA VAL B 92 -45.57 26.78 -27.81
C VAL B 92 -45.01 28.01 -28.50
N ARG B 93 -45.50 28.31 -29.71
CA ARG B 93 -45.04 29.47 -30.45
C ARG B 93 -45.36 30.77 -29.71
N LEU B 94 -46.50 30.81 -29.02
CA LEU B 94 -46.88 32.01 -28.27
C LEU B 94 -45.90 32.27 -27.13
N MET B 95 -45.40 31.21 -26.49
CA MET B 95 -44.47 31.38 -25.39
C MET B 95 -43.18 32.06 -25.85
N PHE B 96 -42.62 31.61 -26.98
CA PHE B 96 -41.42 32.23 -27.51
C PHE B 96 -41.69 33.65 -27.97
N SER B 97 -42.79 33.84 -28.70
CA SER B 97 -43.12 35.18 -29.28
C SER B 97 -43.21 36.22 -28.16
N ASN B 98 -43.80 35.85 -27.03
CA ASN B 98 -43.99 36.83 -25.93
C ASN B 98 -42.63 37.30 -25.44
N CYS B 99 -41.66 36.39 -25.31
CA CYS B 99 -40.32 36.74 -24.82
C CYS B 99 -39.69 37.77 -25.75
N TYR B 100 -39.87 37.61 -27.06
CA TYR B 100 -39.24 38.51 -28.01
C TYR B 100 -39.81 39.92 -27.95
N LYS B 101 -40.99 40.09 -27.35
CA LYS B 101 -41.60 41.41 -27.26
C LYS B 101 -41.07 42.19 -26.06
N TYR B 102 -41.06 41.54 -24.88
CA TYR B 102 -40.66 42.23 -23.66
C TYR B 102 -39.14 42.42 -23.60
N ASN B 103 -38.37 41.53 -24.22
CA ASN B 103 -36.92 41.57 -24.07
C ASN B 103 -36.24 42.06 -25.36
N PRO B 104 -35.16 42.81 -25.23
CA PRO B 104 -34.44 43.30 -26.42
C PRO B 104 -33.61 42.19 -27.05
N PRO B 105 -33.09 42.40 -28.27
CA PRO B 105 -32.42 41.29 -28.97
C PRO B 105 -31.09 40.89 -28.37
N ASP B 106 -30.38 41.80 -27.70
CA ASP B 106 -29.07 41.47 -27.13
C ASP B 106 -29.19 40.70 -25.83
N HIS B 107 -30.36 40.68 -25.19
CA HIS B 107 -30.53 39.98 -23.93
C HIS B 107 -30.27 38.49 -24.10
N GLU B 108 -29.70 37.88 -23.06
CA GLU B 108 -29.39 36.45 -23.12
C GLU B 108 -30.64 35.61 -23.28
N VAL B 109 -31.72 35.99 -22.59
CA VAL B 109 -32.95 35.21 -22.65
C VAL B 109 -33.47 35.11 -24.07
N VAL B 110 -33.29 36.17 -24.87
CA VAL B 110 -33.67 36.10 -26.28
C VAL B 110 -32.79 35.11 -27.03
N ALA B 111 -31.52 35.00 -26.64
CA ALA B 111 -30.62 34.04 -27.27
C ALA B 111 -30.97 32.61 -26.85
N MET B 112 -31.31 32.42 -25.57
CA MET B 112 -31.72 31.09 -25.10
C MET B 112 -32.94 30.59 -25.85
N ALA B 113 -33.97 31.45 -25.96
CA ALA B 113 -35.23 31.03 -26.58
C ALA B 113 -35.01 30.61 -28.04
N ARG B 114 -34.07 31.26 -28.73
CA ARG B 114 -33.84 30.96 -30.14
C ARG B 114 -33.36 29.52 -30.32
N LYS B 115 -32.48 29.05 -29.45
CA LYS B 115 -32.02 27.66 -29.52
C LYS B 115 -33.17 26.70 -29.34
N LEU B 116 -34.01 26.94 -28.33
CA LEU B 116 -35.16 26.08 -28.08
C LEU B 116 -36.13 26.11 -29.25
N GLN B 117 -36.36 27.30 -29.81
CA GLN B 117 -37.25 27.42 -30.97
C GLN B 117 -36.68 26.70 -32.19
N ASP B 118 -35.36 26.62 -32.30
CA ASP B 118 -34.76 25.86 -33.38
C ASP B 118 -34.96 24.37 -33.18
N VAL B 119 -34.79 23.89 -31.94
CA VAL B 119 -35.03 22.48 -31.65
C VAL B 119 -36.51 22.14 -31.84
N PHE B 120 -37.39 23.02 -31.36
CA PHE B 120 -38.82 22.78 -31.50
C PHE B 120 -39.22 22.69 -32.97
N GLU B 121 -38.67 23.57 -33.81
CA GLU B 121 -39.01 23.55 -35.23
C GLU B 121 -38.47 22.30 -35.91
N MET B 122 -37.33 21.79 -35.45
CA MET B 122 -36.75 20.59 -36.05
C MET B 122 -37.57 19.35 -35.70
N ARG B 123 -37.97 19.22 -34.44
CA ARG B 123 -38.70 18.03 -34.01
C ARG B 123 -40.16 18.06 -34.44
N PHE B 124 -40.75 19.24 -34.58
CA PHE B 124 -42.13 19.35 -35.03
C PHE B 124 -42.29 19.17 -36.53
N ALA B 125 -41.21 18.89 -37.25
CA ALA B 125 -41.27 18.57 -38.66
C ALA B 125 -41.30 17.07 -38.92
N LYS B 126 -41.28 16.25 -37.87
CA LYS B 126 -41.42 14.81 -37.97
C LYS B 126 -42.78 14.35 -37.46
N MET B 127 -43.80 15.15 -37.72
CA MET B 127 -45.14 14.81 -37.27
C MET B 127 -45.64 13.58 -38.02
N PRO B 128 -46.34 12.67 -37.34
CA PRO B 128 -46.89 11.45 -37.97
C PRO B 128 -48.28 11.68 -38.55
N ASP C 7 41.11 -14.50 51.53
CA ASP C 7 40.19 -13.42 51.08
C ASP C 7 41.02 -12.34 50.39
N SER C 8 41.96 -12.72 49.52
CA SER C 8 42.82 -11.74 48.81
C SER C 8 42.86 -12.07 47.32
N GLN C 9 43.08 -11.05 46.47
CA GLN C 9 43.07 -11.26 45.00
C GLN C 9 44.32 -12.03 44.57
N GLN C 10 44.25 -12.75 43.44
CA GLN C 10 45.40 -13.52 42.91
C GLN C 10 46.39 -12.56 42.24
N HIS C 11 47.56 -13.06 41.82
CA HIS C 11 48.61 -12.20 41.21
C HIS C 11 48.53 -12.30 39.68
N PRO C 12 48.03 -11.26 38.97
CA PRO C 12 47.98 -11.28 37.51
C PRO C 12 49.18 -10.62 36.82
N ALA C 13 50.16 -10.13 37.59
CA ALA C 13 51.31 -9.41 36.99
C ALA C 13 52.60 -10.20 37.16
N PRO C 14 53.36 -10.44 36.06
CA PRO C 14 54.60 -11.20 36.14
C PRO C 14 55.72 -10.56 36.95
N GLU C 15 55.89 -9.23 36.84
CA GLU C 15 57.02 -8.55 37.53
C GLU C 15 58.33 -9.12 36.98
N LYS C 16 59.15 -9.75 37.84
CA LYS C 16 60.46 -10.31 37.40
C LYS C 16 60.25 -11.70 36.79
N SER C 17 59.80 -11.75 35.53
CA SER C 17 59.59 -13.03 34.80
C SER C 17 59.68 -12.76 33.30
N SER C 18 59.81 -13.80 32.48
CA SER C 18 59.94 -13.62 31.01
C SER C 18 58.58 -13.54 30.34
N LYS C 19 58.53 -13.34 29.02
CA LYS C 19 57.27 -13.20 28.30
C LYS C 19 57.47 -13.58 26.85
N VAL C 20 56.42 -14.15 26.26
CA VAL C 20 56.44 -14.68 24.89
C VAL C 20 55.02 -15.03 24.48
N SER C 21 54.73 -14.98 23.18
CA SER C 21 53.42 -15.37 22.63
C SER C 21 53.62 -16.57 21.71
N GLU C 22 53.21 -17.75 22.19
CA GLU C 22 53.31 -18.98 21.41
C GLU C 22 51.97 -19.71 21.48
N GLN C 23 51.13 -19.50 20.47
CA GLN C 23 49.81 -20.12 20.37
C GLN C 23 48.90 -19.72 21.53
N LEU C 24 49.41 -18.87 22.44
CA LEU C 24 48.54 -18.29 23.46
C LEU C 24 47.44 -17.44 22.83
N LYS C 25 47.65 -16.98 21.59
CA LYS C 25 46.59 -16.26 20.89
C LYS C 25 45.36 -17.12 20.70
N CYS C 26 45.55 -18.43 20.56
CA CYS C 26 44.40 -19.33 20.49
C CYS C 26 43.70 -19.45 21.84
N CYS C 27 44.44 -19.30 22.94
CA CYS C 27 43.82 -19.31 24.26
C CYS C 27 42.88 -18.14 24.44
N SER C 28 43.15 -17.01 23.77
CA SER C 28 42.22 -15.89 23.80
C SER C 28 41.02 -16.13 22.89
N GLY C 29 41.22 -16.85 21.79
CA GLY C 29 40.12 -17.32 20.97
C GLY C 29 39.33 -18.46 21.59
N ILE C 30 39.78 -18.97 22.73
CA ILE C 30 39.04 -19.97 23.48
C ILE C 30 38.31 -19.35 24.67
N LEU C 31 38.98 -18.45 25.39
CA LEU C 31 38.34 -17.77 26.52
C LEU C 31 37.21 -16.87 26.07
N LYS C 32 37.30 -16.31 24.86
CA LYS C 32 36.22 -15.48 24.34
C LYS C 32 34.94 -16.28 24.18
N GLU C 33 35.05 -17.54 23.75
CA GLU C 33 33.88 -18.38 23.60
C GLU C 33 33.25 -18.71 24.95
N MET C 34 34.08 -19.03 25.95
CA MET C 34 33.56 -19.40 27.26
C MET C 34 32.94 -18.19 27.97
N PHE C 35 33.53 -17.00 27.78
CA PHE C 35 33.01 -15.80 28.43
C PHE C 35 31.58 -15.51 28.00
N ALA C 36 31.31 -15.60 26.70
CA ALA C 36 29.99 -15.31 26.16
C ALA C 36 28.94 -16.27 26.71
N ALA C 41 25.88 -19.00 28.82
CA ALA C 41 25.26 -18.18 29.84
C ALA C 41 25.55 -18.67 31.25
N TYR C 42 26.29 -19.77 31.40
CA TYR C 42 26.68 -20.29 32.70
C TYR C 42 28.00 -19.74 33.19
N ALA C 43 28.58 -18.76 32.48
CA ALA C 43 29.88 -18.24 32.85
C ALA C 43 29.84 -17.25 34.01
N TRP C 44 28.66 -16.70 34.31
CA TRP C 44 28.59 -15.62 35.27
C TRP C 44 29.02 -15.99 36.70
N PRO C 45 28.88 -17.23 37.19
CA PRO C 45 29.45 -17.52 38.51
C PRO C 45 30.97 -17.58 38.52
N PHE C 46 31.60 -17.98 37.42
CA PHE C 46 33.05 -18.09 37.35
C PHE C 46 33.70 -16.84 36.76
N TYR C 47 32.92 -15.78 36.52
CA TYR C 47 33.45 -14.53 35.99
C TYR C 47 34.49 -13.93 36.94
N LYS C 48 34.09 -13.66 38.17
CA LYS C 48 34.89 -12.96 39.15
C LYS C 48 35.35 -13.89 40.26
N PRO C 49 36.35 -13.49 41.05
CA PRO C 49 36.71 -14.27 42.24
C PRO C 49 35.51 -14.42 43.17
N VAL C 50 35.41 -15.60 43.78
CA VAL C 50 34.24 -15.96 44.57
C VAL C 50 34.16 -15.05 45.79
N ASP C 51 33.09 -14.25 45.87
CA ASP C 51 32.87 -13.39 47.02
C ASP C 51 32.35 -14.24 48.18
N VAL C 52 33.21 -14.45 49.18
CA VAL C 52 32.85 -15.35 50.28
C VAL C 52 31.84 -14.73 51.22
N GLU C 53 31.72 -13.40 51.26
CA GLU C 53 30.86 -12.74 52.24
C GLU C 53 29.50 -12.35 51.69
N ALA C 54 29.35 -12.22 50.38
CA ALA C 54 28.03 -11.96 49.81
C ALA C 54 27.12 -13.17 49.97
N LEU C 55 27.67 -14.38 49.83
CA LEU C 55 26.90 -15.61 49.95
C LEU C 55 26.87 -16.14 51.38
N GLY C 56 27.60 -15.53 52.31
CA GLY C 56 27.63 -16.03 53.67
C GLY C 56 28.32 -17.36 53.84
N LEU C 57 29.13 -17.78 52.88
CA LEU C 57 29.85 -19.05 52.96
C LEU C 57 31.11 -18.85 53.79
N HIS C 58 31.08 -19.35 55.03
CA HIS C 58 32.19 -19.13 55.95
C HIS C 58 33.35 -20.06 55.66
N ASP C 59 33.08 -21.29 55.24
CA ASP C 59 34.11 -22.32 55.10
C ASP C 59 34.57 -22.52 53.67
N TYR C 60 34.18 -21.65 52.74
CA TYR C 60 34.60 -21.81 51.35
C TYR C 60 36.12 -21.67 51.21
N CYS C 61 36.68 -20.66 51.87
CA CYS C 61 38.13 -20.45 51.79
C CYS C 61 38.89 -21.62 52.39
N ASP C 62 38.36 -22.21 53.46
CA ASP C 62 38.97 -23.40 54.04
C ASP C 62 38.74 -24.64 53.19
N ILE C 63 37.78 -24.60 52.27
CA ILE C 63 37.51 -25.74 51.41
C ILE C 63 38.51 -25.79 50.26
N ILE C 64 38.54 -24.74 49.44
CA ILE C 64 39.45 -24.66 48.30
C ILE C 64 40.64 -23.81 48.71
N LYS C 65 41.83 -24.39 48.60
CA LYS C 65 43.07 -23.71 48.96
C LYS C 65 43.83 -23.16 47.76
N HIS C 66 43.31 -23.35 46.55
CA HIS C 66 43.92 -22.82 45.33
C HIS C 66 42.82 -22.31 44.41
N PRO C 67 42.20 -21.19 44.76
CA PRO C 67 41.06 -20.70 43.96
C PRO C 67 41.53 -20.12 42.63
N MET C 68 40.59 -19.98 41.71
CA MET C 68 40.89 -19.43 40.40
C MET C 68 39.61 -18.96 39.74
N ASP C 69 39.70 -17.79 39.09
CA ASP C 69 38.57 -17.17 38.41
C ASP C 69 38.96 -16.83 36.98
N MET C 70 37.95 -16.82 36.10
CA MET C 70 38.21 -16.60 34.68
C MET C 70 38.81 -15.22 34.43
N SER C 71 38.39 -14.23 35.22
CA SER C 71 38.97 -12.89 35.09
C SER C 71 40.46 -12.92 35.43
N THR C 72 40.84 -13.65 36.48
CA THR C 72 42.26 -13.78 36.82
C THR C 72 43.04 -14.44 35.69
N ILE C 73 42.45 -15.46 35.06
CA ILE C 73 43.09 -16.12 33.93
C ILE C 73 43.23 -15.14 32.76
N LYS C 74 42.19 -14.33 32.53
CA LYS C 74 42.24 -13.36 31.43
C LYS C 74 43.34 -12.34 31.65
N SER C 75 43.50 -11.85 32.89
CA SER C 75 44.54 -10.87 33.17
C SER C 75 45.93 -11.49 33.14
N LYS C 76 46.05 -12.75 33.57
CA LYS C 76 47.33 -13.45 33.46
C LYS C 76 47.75 -13.60 32.00
N LEU C 77 46.79 -13.73 31.10
CA LEU C 77 47.11 -13.81 29.68
C LEU C 77 47.45 -12.44 29.10
N GLU C 78 46.69 -11.41 29.48
CA GLU C 78 46.91 -10.06 28.91
C GLU C 78 48.24 -9.48 29.41
N ALA C 79 48.67 -9.88 30.61
CA ALA C 79 49.96 -9.39 31.16
C ALA C 79 51.09 -10.36 30.77
N ARG C 80 50.76 -11.40 29.99
CA ARG C 80 51.77 -12.38 29.49
C ARG C 80 52.48 -13.07 30.66
N GLU C 81 51.77 -13.35 31.75
CA GLU C 81 52.36 -14.12 32.89
C GLU C 81 52.66 -15.54 32.40
N TYR C 82 51.80 -16.10 31.57
CA TYR C 82 51.96 -17.51 31.14
C TYR C 82 53.02 -17.68 30.05
N ARG C 83 54.09 -18.43 30.33
CA ARG C 83 55.08 -18.75 29.33
C ARG C 83 54.74 -20.06 28.61
N ASP C 84 54.20 -21.02 29.33
CA ASP C 84 53.77 -22.30 28.76
C ASP C 84 52.25 -22.41 28.85
N ALA C 85 51.65 -22.99 27.81
CA ALA C 85 50.20 -23.16 27.78
C ALA C 85 49.74 -24.17 28.83
N GLN C 86 50.60 -25.11 29.24
CA GLN C 86 50.22 -26.11 30.23
C GLN C 86 49.90 -25.48 31.58
N GLU C 87 50.43 -24.29 31.86
CA GLU C 87 50.12 -23.62 33.13
C GLU C 87 48.69 -23.07 33.12
N PHE C 88 48.21 -22.62 31.97
CA PHE C 88 46.84 -22.14 31.87
C PHE C 88 45.84 -23.29 31.89
N GLY C 89 46.20 -24.43 31.28
CA GLY C 89 45.33 -25.58 31.34
C GLY C 89 45.07 -26.05 32.76
N ALA C 90 46.11 -26.01 33.60
CA ALA C 90 45.93 -26.36 35.00
C ALA C 90 45.05 -25.35 35.73
N ASP C 91 45.11 -24.07 35.33
CA ASP C 91 44.31 -23.05 36.00
C ASP C 91 42.82 -23.26 35.75
N VAL C 92 42.43 -23.45 34.48
CA VAL C 92 41.04 -23.69 34.15
C VAL C 92 40.56 -24.99 34.78
N ARG C 93 41.38 -26.04 34.71
CA ARG C 93 41.02 -27.32 35.31
C ARG C 93 40.86 -27.18 36.82
N LEU C 94 41.73 -26.40 37.47
CA LEU C 94 41.61 -26.20 38.90
C LEU C 94 40.34 -25.45 39.28
N MET C 95 39.89 -24.53 38.41
CA MET C 95 38.62 -23.85 38.66
C MET C 95 37.46 -24.84 38.67
N PHE C 96 37.41 -25.72 37.67
CA PHE C 96 36.31 -26.68 37.59
C PHE C 96 36.31 -27.63 38.76
N SER C 97 37.50 -28.12 39.16
CA SER C 97 37.57 -29.12 40.22
C SER C 97 37.23 -28.54 41.58
N ASN C 98 37.63 -27.29 41.83
CA ASN C 98 37.30 -26.65 43.10
C ASN C 98 35.80 -26.62 43.34
N CYS C 99 35.03 -26.30 42.29
CA CYS C 99 33.58 -26.29 42.41
C CYS C 99 33.04 -27.67 42.75
N TYR C 100 33.61 -28.72 42.16
CA TYR C 100 33.13 -30.07 42.42
C TYR C 100 33.41 -30.50 43.85
N LYS C 101 34.55 -30.08 44.40
CA LYS C 101 34.95 -30.53 45.73
C LYS C 101 34.12 -29.85 46.82
N TYR C 102 33.65 -28.63 46.58
CA TYR C 102 32.87 -27.92 47.60
C TYR C 102 31.39 -28.19 47.50
N ASN C 103 30.87 -28.42 46.30
CA ASN C 103 29.45 -28.57 46.06
C ASN C 103 29.07 -30.04 45.94
N PRO C 104 27.79 -30.37 46.16
CA PRO C 104 27.38 -31.77 46.02
C PRO C 104 27.16 -32.14 44.56
N PRO C 105 27.21 -33.43 44.23
CA PRO C 105 27.01 -33.83 42.83
C PRO C 105 25.64 -33.48 42.27
N ASP C 106 24.64 -33.35 43.14
CA ASP C 106 23.27 -33.06 42.72
C ASP C 106 22.97 -31.59 42.53
N HIS C 107 23.86 -30.70 42.96
CA HIS C 107 23.62 -29.27 42.86
C HIS C 107 23.49 -28.83 41.41
N GLU C 108 22.95 -27.62 41.23
CA GLU C 108 22.77 -27.08 39.89
C GLU C 108 24.05 -26.43 39.35
N VAL C 109 24.87 -25.87 40.23
CA VAL C 109 26.13 -25.26 39.78
C VAL C 109 27.08 -26.34 39.27
N VAL C 110 26.99 -27.56 39.80
CA VAL C 110 27.82 -28.65 39.30
C VAL C 110 27.38 -29.08 37.92
N ALA C 111 26.07 -29.18 37.69
CA ALA C 111 25.56 -29.55 36.37
C ALA C 111 25.97 -28.52 35.32
N MET C 112 25.92 -27.24 35.69
CA MET C 112 26.34 -26.19 34.76
C MET C 112 27.84 -26.26 34.50
N ALA C 113 28.63 -26.41 35.57
CA ALA C 113 30.08 -26.49 35.42
C ALA C 113 30.49 -27.62 34.50
N ARG C 114 29.75 -28.74 34.54
CA ARG C 114 30.01 -29.84 33.63
C ARG C 114 29.98 -29.37 32.17
N LYS C 115 28.89 -28.70 31.78
CA LYS C 115 28.73 -28.24 30.41
C LYS C 115 29.94 -27.42 29.94
N LEU C 116 30.42 -26.51 30.78
CA LEU C 116 31.58 -25.71 30.42
C LEU C 116 32.84 -26.57 30.25
N GLN C 117 32.95 -27.64 31.04
CA GLN C 117 34.11 -28.52 30.91
C GLN C 117 34.09 -29.26 29.57
N ASP C 118 32.90 -29.57 29.06
CA ASP C 118 32.80 -30.20 27.74
C ASP C 118 33.31 -29.26 26.65
N VAL C 119 32.85 -28.00 26.66
CA VAL C 119 33.29 -27.04 25.66
C VAL C 119 34.79 -26.81 25.77
N PHE C 120 35.31 -26.71 27.00
CA PHE C 120 36.74 -26.53 27.19
C PHE C 120 37.52 -27.69 26.59
N GLU C 121 37.13 -28.93 26.93
CA GLU C 121 37.81 -30.10 26.38
C GLU C 121 37.65 -30.19 24.88
N MET C 122 36.56 -29.64 24.33
CA MET C 122 36.34 -29.67 22.89
C MET C 122 37.30 -28.73 22.17
N ARG C 123 37.33 -27.46 22.58
CA ARG C 123 38.19 -26.47 21.92
C ARG C 123 39.65 -26.73 22.21
N PHE C 124 39.98 -27.24 23.41
CA PHE C 124 41.36 -27.55 23.72
C PHE C 124 41.88 -28.71 22.88
N ALA C 125 41.01 -29.67 22.54
CA ALA C 125 41.42 -30.77 21.67
C ALA C 125 41.71 -30.29 20.26
N LYS C 126 41.03 -29.23 19.82
CA LYS C 126 41.23 -28.66 18.49
C LYS C 126 42.26 -27.54 18.48
N MET C 127 43.00 -27.36 19.56
CA MET C 127 43.94 -26.25 19.65
C MET C 127 45.15 -26.50 18.78
N PRO C 128 45.55 -25.55 17.93
CA PRO C 128 46.77 -25.72 17.15
C PRO C 128 48.00 -25.80 18.05
N ASP C 129 48.93 -26.68 17.68
CA ASP C 129 50.13 -26.94 18.47
C ASP C 129 51.36 -26.51 17.68
N GLU C 130 52.24 -25.75 18.33
CA GLU C 130 53.51 -25.33 17.75
C GLU C 130 53.33 -24.66 16.38
N ASN D 9 -3.47 -16.02 21.48
CA ASN D 9 -3.80 -15.00 22.48
C ASN D 9 -2.53 -14.25 22.90
N PHE D 10 -1.92 -13.57 21.94
CA PHE D 10 -0.67 -12.86 22.18
C PHE D 10 -0.53 -11.76 21.14
N ASP D 11 -0.13 -10.57 21.59
CA ASP D 11 0.01 -9.42 20.71
C ASP D 11 1.31 -9.56 19.91
N THR D 12 1.17 -9.74 18.60
CA THR D 12 2.34 -9.93 17.73
C THR D 12 3.17 -8.66 17.56
N SER D 13 2.64 -7.50 17.95
CA SER D 13 3.37 -6.25 17.88
C SER D 13 4.15 -5.95 19.15
N LEU D 14 4.13 -6.85 20.12
CA LEU D 14 4.85 -6.69 21.38
C LEU D 14 6.32 -7.06 21.24
N PRO D 15 6.67 -8.19 20.60
CA PRO D 15 8.10 -8.51 20.44
C PRO D 15 8.86 -7.51 19.58
N THR D 16 8.21 -6.90 18.59
CA THR D 16 8.91 -5.96 17.72
C THR D 16 9.24 -4.64 18.42
N SER D 17 8.65 -4.36 19.58
CA SER D 17 8.95 -3.13 20.29
C SER D 17 10.27 -3.21 21.07
N HIS D 18 10.67 -4.42 21.44
CA HIS D 18 11.89 -4.64 22.23
C HIS D 18 11.84 -3.86 23.55
N THR D 19 10.84 -4.19 24.36
CA THR D 19 10.64 -3.53 25.64
C THR D 19 11.63 -3.98 26.71
N TYR D 20 12.30 -5.12 26.50
CA TYR D 20 13.30 -5.58 27.46
C TYR D 20 14.50 -4.65 27.54
N LEU D 21 14.75 -3.85 26.50
CA LEU D 21 15.77 -2.81 26.58
C LEU D 21 15.29 -1.60 27.36
N GLY D 22 13.97 -1.37 27.38
CA GLY D 22 13.41 -0.18 27.96
C GLY D 22 12.60 0.60 26.95
N ALA D 23 11.28 0.72 27.19
CA ALA D 23 10.43 1.39 26.22
C ALA D 23 10.72 2.88 26.13
N ASP D 24 11.24 3.48 27.19
CA ASP D 24 11.59 4.89 27.18
C ASP D 24 12.77 5.11 26.23
N MET D 25 12.63 6.07 25.32
CA MET D 25 13.67 6.32 24.32
C MET D 25 13.39 7.63 23.62
N GLU D 26 14.45 8.19 23.04
CA GLU D 26 14.31 9.27 22.07
C GLU D 26 13.90 8.66 20.73
N GLU D 27 13.05 9.37 19.99
CA GLU D 27 12.50 8.86 18.74
C GLU D 27 12.94 9.77 17.60
N PHE D 28 13.67 9.20 16.65
CA PHE D 28 14.06 9.90 15.42
C PHE D 28 13.21 9.35 14.29
N HIS D 29 12.16 10.09 13.93
CA HIS D 29 11.26 9.67 12.86
C HIS D 29 11.78 10.04 11.47
N GLY D 30 12.78 10.91 11.38
CA GLY D 30 13.27 11.33 10.08
C GLY D 30 13.94 10.18 9.34
N ARG D 31 13.79 10.19 8.02
CA ARG D 31 14.34 9.15 7.16
C ARG D 31 15.47 9.74 6.33
N THR D 32 16.67 9.18 6.49
CA THR D 32 17.84 9.62 5.73
C THR D 32 18.11 8.58 4.64
N LEU D 33 17.82 8.95 3.39
CA LEU D 33 18.02 8.07 2.24
C LEU D 33 19.07 8.68 1.34
N HIS D 34 20.24 8.04 1.26
CA HIS D 34 21.28 8.47 0.33
C HIS D 34 20.88 8.14 -1.10
N ASP D 35 21.30 8.98 -2.02
CA ASP D 35 20.96 8.77 -3.42
C ASP D 35 21.74 7.58 -3.99
N ASP D 36 21.19 7.00 -5.05
CA ASP D 36 21.79 5.83 -5.67
C ASP D 36 23.07 6.22 -6.42
N ASP D 37 23.91 5.21 -6.66
CA ASP D 37 25.18 5.37 -7.37
C ASP D 37 26.09 6.41 -6.74
N SER D 38 25.88 6.71 -5.46
CA SER D 38 26.66 7.71 -4.76
C SER D 38 27.75 7.04 -3.93
N ILE D 39 28.82 7.77 -3.69
CA ILE D 39 29.99 7.28 -2.96
C ILE D 39 30.02 8.02 -1.63
N GLN D 40 29.58 7.34 -0.57
CA GLN D 40 29.55 7.90 0.77
C GLN D 40 30.51 7.16 1.69
N VAL D 41 30.90 7.83 2.77
CA VAL D 41 31.73 7.26 3.81
C VAL D 41 30.86 7.05 5.05
N ILE D 42 30.84 5.83 5.57
CA ILE D 42 30.03 5.50 6.73
C ILE D 42 30.85 4.66 7.70
N PRO D 43 30.67 4.82 9.01
CA PRO D 43 31.41 4.00 9.97
C PRO D 43 30.85 2.59 10.05
N VAL D 44 31.71 1.67 10.49
CA VAL D 44 31.37 0.26 10.61
C VAL D 44 31.23 -0.08 12.08
N LEU D 45 30.18 -0.83 12.41
CA LEU D 45 29.99 -1.26 13.79
C LEU D 45 31.05 -2.28 14.16
N PRO D 46 31.68 -2.16 15.34
CA PRO D 46 32.85 -2.99 15.65
C PRO D 46 32.57 -4.48 15.75
N GLN D 47 31.63 -4.88 16.60
CA GLN D 47 31.46 -6.28 16.97
C GLN D 47 30.40 -7.02 16.16
N VAL D 48 29.65 -6.31 15.32
CA VAL D 48 28.53 -6.97 14.59
C VAL D 48 29.10 -7.89 13.51
N MET D 49 28.65 -9.15 13.48
CA MET D 49 29.09 -10.10 12.43
C MET D 49 27.84 -10.75 11.85
N MET D 50 27.04 -9.97 11.13
CA MET D 50 25.75 -10.51 10.62
C MET D 50 25.43 -9.92 9.25
N ILE D 51 24.52 -10.57 8.52
CA ILE D 51 24.12 -10.09 7.20
C ILE D 51 22.72 -9.50 7.36
N LEU D 52 22.65 -8.17 7.46
CA LEU D 52 21.38 -7.49 7.60
C LEU D 52 20.68 -7.40 6.26
N VAL D 53 19.36 -7.53 6.29
CA VAL D 53 18.53 -7.37 5.09
C VAL D 53 17.80 -6.05 5.19
N PRO D 54 17.59 -5.34 4.08
CA PRO D 54 16.87 -4.06 4.13
C PRO D 54 15.48 -4.24 4.69
N GLY D 55 15.15 -3.44 5.71
CA GLY D 55 13.88 -3.51 6.39
C GLY D 55 13.89 -4.33 7.66
N GLN D 56 14.95 -5.09 7.92
CA GLN D 56 15.06 -5.84 9.16
C GLN D 56 15.41 -4.91 10.31
N THR D 57 15.07 -5.35 11.52
CA THR D 57 15.27 -4.56 12.72
C THR D 57 16.46 -5.11 13.51
N LEU D 58 17.41 -4.24 13.84
CA LEU D 58 18.62 -4.63 14.55
C LEU D 58 18.67 -3.93 15.90
N PRO D 59 18.59 -4.66 17.02
CA PRO D 59 18.83 -4.06 18.33
C PRO D 59 20.29 -4.22 18.74
N LEU D 60 20.82 -3.20 19.41
CA LEU D 60 22.27 -3.23 19.77
C LEU D 60 22.51 -2.61 21.14
N GLN D 61 23.39 -3.19 21.94
CA GLN D 61 23.77 -2.59 23.25
C GLN D 61 25.28 -2.39 23.22
N LEU D 62 25.77 -1.16 23.42
CA LEU D 62 27.23 -0.89 23.29
C LEU D 62 27.79 -0.42 24.63
N PHE D 63 28.90 -1.00 25.08
CA PHE D 63 29.43 -0.67 26.43
C PHE D 63 30.83 -0.04 26.37
N HIS D 64 31.56 -0.21 25.27
CA HIS D 64 32.97 0.26 25.23
C HIS D 64 33.07 1.77 24.95
N PRO D 65 34.09 2.52 25.44
CA PRO D 65 34.11 3.99 25.26
C PRO D 65 34.20 4.44 23.82
N GLN D 66 34.95 3.72 22.97
CA GLN D 66 35.02 4.09 21.56
C GLN D 66 33.66 3.95 20.89
N GLU D 67 32.88 2.95 21.31
CA GLU D 67 31.60 2.68 20.65
C GLU D 67 30.59 3.78 20.93
N VAL D 68 30.42 4.18 22.19
CA VAL D 68 29.47 5.23 22.53
C VAL D 68 29.88 6.55 21.88
N SER D 69 31.19 6.73 21.68
CA SER D 69 31.68 7.98 21.05
C SER D 69 31.07 8.11 19.65
N MET D 70 31.12 7.04 18.86
CA MET D 70 30.60 7.10 17.47
C MET D 70 29.11 7.39 17.52
N VAL D 71 28.38 6.76 18.45
CA VAL D 71 26.90 6.93 18.53
C VAL D 71 26.58 8.42 18.68
N ARG D 72 27.24 9.10 19.61
CA ARG D 72 26.96 10.53 19.84
C ARG D 72 27.09 11.28 18.51
N ASN D 73 28.23 11.13 17.83
CA ASN D 73 28.46 11.86 16.56
C ASN D 73 27.43 11.42 15.52
N LEU D 74 27.13 10.13 15.47
CA LEU D 74 26.13 9.62 14.49
C LEU D 74 24.76 10.24 14.78
N ILE D 75 24.39 10.34 16.05
CA ILE D 75 23.06 10.91 16.43
C ILE D 75 23.02 12.36 15.95
N GLN D 76 24.13 13.08 16.10
CA GLN D 76 24.21 14.50 15.64
C GLN D 76 24.02 14.57 14.12
N ASN D 77 24.57 13.60 13.38
CA ASN D 77 24.52 13.68 11.90
C ASN D 77 23.42 12.78 11.33
N ASP D 78 23.70 12.06 10.23
CA ASP D 78 22.69 11.23 9.53
C ASP D 78 22.16 10.08 10.41
N ARG D 79 22.99 9.51 11.29
CA ARG D 79 22.61 8.34 12.13
C ARG D 79 22.67 7.08 11.26
N THR D 80 23.31 7.17 10.10
CA THR D 80 23.38 6.02 9.16
C THR D 80 24.75 5.33 9.29
N PHE D 81 24.78 4.12 9.86
CA PHE D 81 26.02 3.37 9.96
C PHE D 81 25.94 2.12 9.08
N ALA D 82 27.04 1.39 9.03
CA ALA D 82 27.19 0.28 8.10
C ALA D 82 27.45 -1.01 8.85
N VAL D 83 26.68 -2.05 8.52
CA VAL D 83 26.95 -3.41 8.97
C VAL D 83 27.45 -4.20 7.75
N LEU D 84 28.51 -4.96 7.95
CA LEU D 84 29.22 -5.62 6.87
C LEU D 84 28.94 -7.11 6.87
N ALA D 85 28.78 -7.68 5.68
CA ALA D 85 28.51 -9.13 5.55
C ALA D 85 29.80 -9.83 5.14
N TYR D 86 30.64 -10.18 6.12
CA TYR D 86 31.95 -10.78 5.79
C TYR D 86 31.71 -12.19 5.23
N SER D 87 32.25 -12.47 4.05
CA SER D 87 32.16 -13.86 3.52
C SER D 87 32.95 -14.75 4.47
N ASN D 88 34.14 -14.31 4.87
CA ASN D 88 34.93 -15.06 5.88
C ASN D 88 35.28 -14.09 7.01
N VAL D 89 34.94 -14.44 8.25
CA VAL D 89 35.16 -13.51 9.40
C VAL D 89 36.67 -13.25 9.61
N GLN D 90 37.50 -14.28 9.49
CA GLN D 90 38.95 -14.11 9.80
C GLN D 90 39.79 -14.52 8.58
N GLU D 91 40.92 -13.81 8.37
CA GLU D 91 41.84 -14.11 7.23
C GLU D 91 41.22 -13.63 5.92
N ARG D 92 40.12 -12.88 6.00
CA ARG D 92 39.46 -12.32 4.80
C ARG D 92 38.64 -11.09 5.19
N GLU D 93 38.28 -10.26 4.21
CA GLU D 93 37.49 -9.02 4.48
C GLU D 93 36.25 -9.03 3.58
N ALA D 94 35.21 -8.28 3.95
CA ALA D 94 33.93 -8.34 3.19
C ALA D 94 33.96 -7.49 1.93
N GLU D 95 32.92 -7.64 1.10
CA GLU D 95 32.76 -6.83 -0.10
C GLU D 95 31.39 -6.20 -0.25
N PHE D 96 30.38 -6.68 0.47
CA PHE D 96 29.02 -6.16 0.38
C PHE D 96 28.48 -5.91 1.79
N GLY D 97 27.46 -5.06 1.87
CA GLY D 97 26.86 -4.75 3.16
C GLY D 97 25.59 -3.96 2.99
N THR D 98 25.01 -3.59 4.12
CA THR D 98 23.75 -2.86 4.16
C THR D 98 23.84 -1.71 5.15
N THR D 99 23.18 -0.60 4.82
CA THR D 99 23.14 0.56 5.70
C THR D 99 22.05 0.38 6.76
N ALA D 100 22.29 0.94 7.94
CA ALA D 100 21.35 0.88 9.05
C ALA D 100 21.06 2.29 9.55
N GLU D 101 19.79 2.58 9.78
CA GLU D 101 19.33 3.92 10.16
C GLU D 101 18.76 3.87 11.57
N ILE D 102 19.33 4.66 12.47
CA ILE D 102 18.93 4.64 13.87
C ILE D 102 17.61 5.38 14.03
N TYR D 103 16.67 4.77 14.78
CA TYR D 103 15.39 5.39 15.06
C TYR D 103 15.02 5.39 16.54
N ALA D 104 15.87 4.88 17.41
CA ALA D 104 15.61 4.88 18.85
C ALA D 104 16.93 4.97 19.59
N TYR D 105 16.94 5.70 20.71
CA TYR D 105 18.20 5.90 21.48
C TYR D 105 17.90 5.89 22.98
N ARG D 106 18.71 5.15 23.76
CA ARG D 106 18.54 5.10 25.23
C ARG D 106 19.91 5.31 25.88
N GLU D 107 19.94 5.94 27.06
CA GLU D 107 21.23 6.12 27.79
C GLU D 107 21.07 5.67 29.24
N GLU D 108 22.00 4.86 29.74
CA GLU D 108 21.98 4.43 31.17
C GLU D 108 23.43 4.36 31.67
N GLN D 109 23.64 4.55 32.96
CA GLN D 109 25.00 4.44 33.54
C GLN D 109 24.98 3.43 34.69
N ASP D 110 25.82 2.40 34.62
CA ASP D 110 25.89 1.40 35.67
C ASP D 110 27.35 1.17 36.04
N PHE D 111 27.67 1.37 37.31
CA PHE D 111 29.03 1.14 37.83
C PHE D 111 30.08 1.95 37.07
N GLY D 112 29.75 3.21 36.79
CA GLY D 112 30.73 4.09 36.12
C GLY D 112 30.91 3.75 34.66
N ILE D 113 30.08 2.84 34.14
CA ILE D 113 30.14 2.51 32.68
C ILE D 113 28.89 3.09 32.04
N GLU D 114 29.06 3.90 30.99
CA GLU D 114 27.88 4.43 30.27
C GLU D 114 27.49 3.45 29.17
N ILE D 115 26.24 2.99 29.18
CA ILE D 115 25.78 1.97 28.20
C ILE D 115 24.74 2.62 27.29
N VAL D 116 24.89 2.42 25.98
CA VAL D 116 23.90 2.97 25.01
C VAL D 116 23.10 1.81 24.41
N LYS D 117 21.77 1.88 24.46
CA LYS D 117 20.93 0.84 23.84
C LYS D 117 20.25 1.48 22.62
N VAL D 118 20.43 0.90 21.43
CA VAL D 118 19.88 1.58 20.21
C VAL D 118 19.15 0.57 19.32
N LYS D 119 18.14 1.04 18.58
CA LYS D 119 17.39 0.21 17.65
C LYS D 119 17.41 0.89 16.28
N ALA D 120 17.84 0.15 15.27
CA ALA D 120 17.99 0.68 13.92
C ALA D 120 17.26 -0.21 12.92
N ILE D 121 17.15 0.27 11.69
CA ILE D 121 16.52 -0.46 10.59
C ILE D 121 17.41 -0.33 9.36
N GLY D 122 17.65 -1.46 8.69
CA GLY D 122 18.40 -1.43 7.46
C GLY D 122 17.63 -0.71 6.36
N ARG D 123 18.37 -0.04 5.48
CA ARG D 123 17.75 0.78 4.44
C ARG D 123 18.22 0.42 3.03
N GLN D 124 19.52 0.43 2.78
CA GLN D 124 20.05 0.27 1.43
C GLN D 124 21.17 -0.77 1.41
N ARG D 125 21.50 -1.21 0.20
CA ARG D 125 22.60 -2.14 -0.05
C ARG D 125 23.71 -1.42 -0.79
N PHE D 126 24.96 -1.79 -0.49
CA PHE D 126 26.11 -1.10 -1.07
C PHE D 126 27.22 -2.08 -1.41
N LYS D 127 28.23 -1.56 -2.09
CA LYS D 127 29.46 -2.28 -2.43
C LYS D 127 30.63 -1.53 -1.83
N VAL D 128 31.42 -2.22 -1.01
CA VAL D 128 32.53 -1.60 -0.30
C VAL D 128 33.71 -1.43 -1.25
N LEU D 129 34.11 -0.18 -1.49
CA LEU D 129 35.27 0.09 -2.33
C LEU D 129 36.58 0.05 -1.54
N GLU D 130 36.59 0.62 -0.34
CA GLU D 130 37.80 0.68 0.47
C GLU D 130 37.42 0.77 1.94
N LEU D 131 38.38 0.43 2.81
CA LEU D 131 38.14 0.50 4.28
C LEU D 131 39.46 0.85 4.97
N ARG D 132 39.40 1.68 6.01
CA ARG D 132 40.64 2.12 6.70
C ARG D 132 40.42 2.06 8.21
N THR D 133 41.51 1.95 8.97
CA THR D 133 41.39 1.83 10.45
C THR D 133 41.78 3.17 11.09
N GLN D 134 40.90 3.72 11.93
CA GLN D 134 41.15 5.04 12.56
C GLN D 134 42.09 4.88 13.77
N SER D 135 42.60 6.00 14.30
CA SER D 135 43.44 5.95 15.53
C SER D 135 42.59 5.37 16.67
N ASP D 136 41.29 5.68 16.69
CA ASP D 136 40.37 5.12 17.71
C ASP D 136 40.32 3.59 17.57
N GLY D 137 40.55 3.06 16.37
CA GLY D 137 40.49 1.60 16.13
C GLY D 137 39.20 1.21 15.43
N ILE D 138 38.27 2.16 15.29
CA ILE D 138 37.02 1.89 14.53
C ILE D 138 37.38 1.90 13.04
N GLN D 139 36.54 1.29 12.20
CA GLN D 139 36.83 1.26 10.74
C GLN D 139 35.82 2.15 10.01
N GLN D 140 36.30 2.95 9.06
CA GLN D 140 35.37 3.78 8.24
C GLN D 140 35.38 3.22 6.82
N ALA D 141 34.20 3.05 6.23
CA ALA D 141 34.15 2.39 4.91
C ALA D 141 33.56 3.30 3.82
N LYS D 142 34.26 3.41 2.70
CA LYS D 142 33.76 4.15 1.55
C LYS D 142 33.06 3.17 0.63
N VAL D 143 31.75 3.35 0.44
CA VAL D 143 30.91 2.40 -0.27
C VAL D 143 30.19 3.09 -1.42
N GLN D 144 29.58 2.29 -2.29
CA GLN D 144 28.80 2.77 -3.41
C GLN D 144 27.40 2.19 -3.33
N ILE D 145 26.40 3.06 -3.37
CA ILE D 145 25.01 2.64 -3.26
C ILE D 145 24.62 1.85 -4.51
N LEU D 146 23.88 0.74 -4.30
CA LEU D 146 23.50 -0.15 -5.39
C LEU D 146 22.04 0.06 -5.76
N PRO D 147 21.71 0.16 -7.05
CA PRO D 147 20.33 0.40 -7.44
C PRO D 147 19.45 -0.81 -7.22
N GLU D 148 18.16 -0.55 -7.01
CA GLU D 148 17.18 -1.61 -6.80
C GLU D 148 16.43 -1.90 -8.11
N ALA D 153 6.19 -11.01 -11.65
CA ALA D 153 6.62 -11.10 -10.25
C ALA D 153 5.43 -11.30 -9.33
N GLU D 154 4.24 -10.95 -9.82
CA GLU D 154 3.02 -11.19 -9.04
C GLU D 154 2.70 -12.68 -8.96
N THR D 155 2.99 -13.42 -10.03
CA THR D 155 2.78 -14.87 -10.00
C THR D 155 3.73 -15.56 -9.03
N LEU D 156 5.00 -15.12 -9.00
CA LEU D 156 5.98 -15.72 -8.10
C LEU D 156 5.57 -15.51 -6.66
N MET D 157 5.14 -14.29 -6.34
CA MET D 157 4.58 -13.98 -5.03
C MET D 157 3.44 -14.90 -4.66
N ASP D 158 2.52 -15.17 -5.58
CA ASP D 158 1.41 -16.08 -5.31
C ASP D 158 1.90 -17.52 -5.10
N ARG D 159 2.77 -17.99 -6.00
CA ARG D 159 3.28 -19.35 -5.88
C ARG D 159 4.08 -19.55 -4.60
N ILE D 160 4.74 -18.50 -4.11
CA ILE D 160 5.42 -18.58 -2.84
C ILE D 160 4.42 -18.67 -1.70
N LYS D 161 3.43 -17.76 -1.70
CA LYS D 161 2.48 -17.66 -0.58
C LYS D 161 1.79 -18.99 -0.32
N LYS D 162 1.46 -19.74 -1.37
CA LYS D 162 0.82 -21.04 -1.19
C LYS D 162 1.75 -22.02 -0.46
N GLN D 163 3.06 -21.82 -0.59
CA GLN D 163 4.01 -22.74 0.05
C GLN D 163 4.26 -22.37 1.51
N LEU D 164 4.30 -21.07 1.84
CA LEU D 164 4.34 -20.72 3.26
C LEU D 164 3.04 -21.05 3.97
N ARG D 165 1.93 -21.19 3.23
CA ARG D 165 0.70 -21.67 3.84
C ARG D 165 0.76 -23.16 4.13
N GLU D 166 1.48 -23.92 3.31
CA GLU D 166 1.62 -25.36 3.57
C GLU D 166 2.50 -25.61 4.80
N TRP D 167 3.44 -24.73 5.10
CA TRP D 167 4.29 -24.89 6.26
C TRP D 167 3.58 -24.44 7.54
N ASP D 168 2.83 -23.35 7.47
CA ASP D 168 2.19 -22.79 8.66
C ASP D 168 0.89 -22.12 8.24
N GLU D 169 -0.23 -22.55 8.84
CA GLU D 169 -1.55 -21.97 8.65
C GLU D 169 -1.87 -21.67 7.18
N ASP D 174 -2.00 -11.64 5.56
CA ASP D 174 -2.34 -10.23 5.68
C ASP D 174 -1.12 -9.42 6.10
N SER D 175 -0.33 -9.97 7.01
CA SER D 175 0.87 -9.28 7.48
C SER D 175 2.01 -9.34 6.46
N LEU D 176 1.90 -10.19 5.44
CA LEU D 176 2.93 -10.25 4.42
C LEU D 176 2.91 -8.97 3.58
N PRO D 177 4.08 -8.42 3.26
CA PRO D 177 4.11 -7.20 2.44
C PRO D 177 3.58 -7.47 1.04
N SER D 178 2.84 -6.49 0.51
CA SER D 178 2.28 -6.63 -0.83
C SER D 178 3.27 -6.23 -1.91
N ASN D 179 4.21 -5.35 -1.59
CA ASN D 179 5.22 -4.93 -2.57
C ASN D 179 6.15 -6.10 -2.88
N PRO D 180 6.37 -6.41 -4.16
CA PRO D 180 7.34 -7.48 -4.49
C PRO D 180 8.72 -7.23 -3.95
N ILE D 181 9.23 -6.00 -4.02
CA ILE D 181 10.55 -5.69 -3.49
C ILE D 181 10.59 -5.92 -1.98
N ASP D 182 9.51 -5.57 -1.28
CA ASP D 182 9.47 -5.74 0.17
C ASP D 182 9.41 -7.21 0.55
N PHE D 183 8.56 -7.98 -0.16
CA PHE D 183 8.44 -9.42 0.05
C PHE D 183 9.78 -10.13 -0.20
N SER D 184 10.55 -9.67 -1.18
CA SER D 184 11.83 -10.30 -1.51
C SER D 184 12.76 -10.30 -0.30
N TYR D 185 12.87 -9.15 0.38
CA TYR D 185 13.72 -9.06 1.56
C TYR D 185 13.07 -9.68 2.79
N TRP D 186 11.72 -9.67 2.85
CA TRP D 186 11.04 -10.32 3.97
C TRP D 186 11.34 -11.82 3.97
N VAL D 187 11.14 -12.48 2.83
CA VAL D 187 11.31 -13.93 2.77
C VAL D 187 12.76 -14.30 3.06
N ALA D 188 13.71 -13.50 2.58
CA ALA D 188 15.11 -13.77 2.86
C ALA D 188 15.44 -13.63 4.33
N ALA D 189 14.74 -12.73 5.04
CA ALA D 189 15.05 -12.50 6.45
C ALA D 189 14.56 -13.63 7.34
N ASN D 190 13.46 -14.26 6.99
CA ASN D 190 12.84 -15.27 7.84
C ASN D 190 13.01 -16.70 7.35
N LEU D 191 13.57 -16.89 6.16
CA LEU D 191 13.79 -18.25 5.67
C LEU D 191 14.85 -18.95 6.52
N PRO D 192 14.66 -20.23 6.81
CA PRO D 192 15.68 -21.00 7.57
C PRO D 192 16.72 -21.61 6.63
N ILE D 193 17.72 -20.81 6.28
CA ILE D 193 18.75 -21.21 5.33
C ILE D 193 20.12 -20.95 5.93
N ASP D 194 21.13 -21.58 5.33
CA ASP D 194 22.50 -21.30 5.71
C ASP D 194 22.87 -19.85 5.36
N ASP D 195 23.87 -19.31 6.06
CA ASP D 195 24.28 -17.94 5.81
C ASP D 195 24.69 -17.73 4.36
N SER D 196 25.52 -18.65 3.83
CA SER D 196 26.03 -18.52 2.47
C SER D 196 24.92 -18.16 1.47
N LEU D 197 23.73 -18.74 1.65
CA LEU D 197 22.62 -18.40 0.77
C LEU D 197 22.13 -16.98 1.01
N ARG D 198 22.31 -16.45 2.23
CA ARG D 198 21.83 -15.10 2.53
C ARG D 198 22.68 -14.05 1.83
N ILE D 199 24.02 -14.13 1.97
CA ILE D 199 24.87 -13.20 1.22
C ILE D 199 24.70 -13.41 -0.28
N GLN D 200 24.38 -14.63 -0.70
CA GLN D 200 24.04 -14.86 -2.10
C GLN D 200 22.82 -14.05 -2.50
N LEU D 201 21.74 -14.15 -1.72
CA LEU D 201 20.48 -13.48 -2.08
C LEU D 201 20.64 -11.97 -2.12
N LEU D 202 21.57 -11.41 -1.35
CA LEU D 202 21.75 -9.96 -1.34
C LEU D 202 22.40 -9.47 -2.63
N LYS D 203 23.28 -10.27 -3.22
CA LYS D 203 24.06 -9.81 -4.36
C LYS D 203 23.21 -9.52 -5.59
N ILE D 204 22.02 -10.10 -5.69
CA ILE D 204 21.15 -9.85 -6.84
C ILE D 204 20.47 -8.50 -6.66
N ASP D 205 20.75 -7.56 -7.57
CA ASP D 205 20.09 -6.27 -7.54
C ASP D 205 18.62 -6.40 -7.93
N SER D 206 18.32 -7.23 -8.93
CA SER D 206 16.95 -7.41 -9.37
C SER D 206 16.12 -8.13 -8.32
N ALA D 207 14.84 -7.80 -8.26
CA ALA D 207 13.92 -8.40 -7.31
C ALA D 207 13.27 -9.67 -7.85
N ILE D 208 12.94 -9.68 -9.15
CA ILE D 208 12.31 -10.85 -9.74
C ILE D 208 13.24 -12.06 -9.69
N GLN D 209 14.52 -11.84 -9.94
CA GLN D 209 15.49 -12.93 -9.85
C GLN D 209 15.60 -13.46 -8.42
N ARG D 210 15.47 -12.57 -7.44
CA ARG D 210 15.51 -13.00 -6.04
C ARG D 210 14.28 -13.84 -5.69
N LEU D 211 13.13 -13.50 -6.27
CA LEU D 211 11.91 -14.26 -5.98
C LEU D 211 11.98 -15.67 -6.57
N ARG D 212 12.46 -15.80 -7.81
CA ARG D 212 12.60 -17.11 -8.41
C ARG D 212 13.60 -17.96 -7.63
N CYS D 213 14.66 -17.33 -7.11
CA CYS D 213 15.62 -18.04 -6.27
C CYS D 213 14.97 -18.56 -5.01
N GLU D 214 14.23 -17.70 -4.31
CA GLU D 214 13.64 -18.05 -3.03
C GLU D 214 12.75 -19.29 -3.16
N LEU D 215 11.88 -19.31 -4.18
CA LEU D 215 10.99 -20.45 -4.37
C LEU D 215 11.79 -21.74 -4.52
N ASP D 216 12.85 -21.72 -5.33
CA ASP D 216 13.69 -22.91 -5.50
C ASP D 216 14.30 -23.33 -4.17
N ILE D 217 14.64 -22.38 -3.31
CA ILE D 217 15.26 -22.70 -2.03
C ILE D 217 14.25 -23.39 -1.11
N MET D 218 13.01 -22.92 -1.11
CA MET D 218 12.00 -23.52 -0.25
C MET D 218 11.65 -24.94 -0.67
N ASN D 219 11.73 -25.23 -1.97
CA ASN D 219 11.51 -26.61 -2.43
C ASN D 219 12.65 -27.52 -2.00
N LYS D 220 13.89 -27.05 -2.11
CA LYS D 220 15.07 -27.79 -1.70
C LYS D 220 15.39 -27.60 -0.21
N CYS D 221 14.38 -27.41 0.62
CA CYS D 221 14.58 -27.19 2.05
C CYS D 221 14.54 -28.52 2.81
N THR D 222 15.31 -28.58 3.90
CA THR D 222 15.40 -29.79 4.71
C THR D 222 15.25 -29.49 6.19
N SER D 223 15.66 -30.43 7.04
CA SER D 223 15.57 -30.25 8.48
C SER D 223 16.82 -29.55 9.00
N LEU D 224 16.79 -29.24 10.30
CA LEU D 224 17.86 -28.50 10.96
C LEU D 224 18.58 -29.41 11.95
N CYS D 225 19.91 -29.28 12.01
CA CYS D 225 20.74 -30.18 12.79
C CYS D 225 21.73 -29.39 13.64
N CYS D 226 22.26 -30.07 14.66
CA CYS D 226 23.25 -29.47 15.55
C CYS D 226 24.57 -29.27 14.80
N LYS D 227 25.23 -28.15 15.09
CA LYS D 227 26.43 -27.78 14.33
C LYS D 227 27.59 -28.71 14.65
N GLN D 228 27.89 -28.90 15.94
CA GLN D 228 29.02 -29.76 16.32
C GLN D 228 28.75 -31.21 15.95
N CYS D 229 27.58 -31.73 16.35
CA CYS D 229 27.29 -33.14 16.17
C CYS D 229 27.11 -33.51 14.71
N GLN D 230 26.35 -32.71 13.96
CA GLN D 230 26.02 -32.97 12.56
C GLN D 230 25.23 -34.26 12.39
N GLU D 231 24.65 -34.78 13.47
CA GLU D 231 23.91 -36.04 13.43
C GLU D 231 22.52 -35.95 14.06
N THR D 232 22.21 -34.87 14.76
CA THR D 232 20.96 -34.75 15.51
C THR D 232 20.00 -33.82 14.76
N GLU D 233 18.87 -34.36 14.34
CA GLU D 233 17.85 -33.59 13.62
C GLU D 233 16.94 -32.94 14.66
N ILE D 234 17.05 -31.62 14.80
CA ILE D 234 16.27 -30.90 15.81
C ILE D 234 14.83 -30.74 15.37
N THR D 235 14.62 -30.12 14.20
CA THR D 235 13.28 -29.80 13.73
C THR D 235 13.31 -29.66 12.22
N THR D 236 12.13 -29.52 11.64
CA THR D 236 11.97 -29.39 10.19
C THR D 236 11.19 -28.11 9.88
N LYS D 237 11.02 -27.84 8.59
CA LYS D 237 10.35 -26.61 8.16
C LYS D 237 8.86 -26.61 8.48
N ASN D 238 8.28 -27.76 8.82
CA ASN D 238 6.84 -27.83 9.06
C ASN D 238 6.46 -27.27 10.43
N GLU D 239 7.34 -27.40 11.42
CA GLU D 239 7.04 -26.96 12.78
C GLU D 239 7.17 -25.45 12.97
N ILE D 240 7.51 -24.72 11.91
CA ILE D 240 7.74 -23.28 12.03
C ILE D 240 6.40 -22.57 12.27
N PHE D 241 6.38 -21.67 13.25
CA PHE D 241 5.22 -20.84 13.50
C PHE D 241 5.69 -19.43 13.85
N SER D 242 4.84 -18.45 13.56
CA SER D 242 5.19 -17.04 13.65
C SER D 242 4.44 -16.40 14.82
N LEU D 243 5.17 -16.04 15.87
CA LEU D 243 4.60 -15.38 17.04
C LEU D 243 4.81 -13.87 17.02
N SER D 244 5.51 -13.34 16.03
CA SER D 244 5.78 -11.92 15.93
C SER D 244 5.30 -11.39 14.59
N ARG D 245 5.00 -10.09 14.54
CA ARG D 245 4.63 -9.46 13.28
C ARG D 245 5.80 -9.46 12.30
N GLU D 246 7.03 -9.53 12.81
CA GLU D 246 8.20 -9.64 11.95
C GLU D 246 8.31 -11.03 11.32
N GLY D 247 7.60 -12.01 11.86
CA GLY D 247 7.61 -13.34 11.31
C GLY D 247 8.29 -14.34 12.21
N PRO D 248 8.59 -15.52 11.68
CA PRO D 248 9.20 -16.57 12.52
C PRO D 248 10.60 -16.24 12.99
N MET D 249 11.45 -15.64 12.15
CA MET D 249 12.82 -15.32 12.52
C MET D 249 12.93 -13.83 12.85
N ALA D 250 13.44 -13.54 14.06
CA ALA D 250 13.66 -12.16 14.48
C ALA D 250 14.94 -12.09 15.30
N ALA D 251 15.52 -10.89 15.37
CA ALA D 251 16.77 -10.67 16.05
C ALA D 251 16.53 -10.03 17.41
N TYR D 252 17.14 -10.61 18.45
CA TYR D 252 17.06 -10.10 19.81
C TYR D 252 18.47 -9.99 20.36
N VAL D 253 18.59 -9.35 21.53
CA VAL D 253 19.89 -9.07 22.14
C VAL D 253 19.83 -9.49 23.61
N ASN D 254 20.92 -10.07 24.10
CA ASN D 254 21.01 -10.61 25.45
C ASN D 254 21.54 -9.53 26.41
N PRO D 255 21.68 -9.83 27.71
CA PRO D 255 22.25 -8.81 28.61
C PRO D 255 23.66 -8.36 28.25
N HIS D 256 24.58 -9.30 28.04
CA HIS D 256 25.99 -8.93 27.86
C HIS D 256 26.22 -8.13 26.59
N GLY D 257 25.38 -8.31 25.57
CA GLY D 257 25.48 -7.49 24.37
C GLY D 257 25.54 -8.27 23.07
N TYR D 258 25.34 -9.58 23.13
CA TYR D 258 25.39 -10.42 21.95
C TYR D 258 24.00 -10.54 21.34
N VAL D 259 23.95 -10.51 20.01
CA VAL D 259 22.69 -10.54 19.27
C VAL D 259 22.46 -11.95 18.74
N HIS D 260 21.27 -12.48 18.97
CA HIS D 260 20.89 -13.84 18.57
C HIS D 260 19.66 -13.78 17.67
N GLU D 261 19.77 -14.38 16.49
CA GLU D 261 18.63 -14.54 15.61
C GLU D 261 17.86 -15.79 16.00
N ILE D 262 16.55 -15.66 16.20
CA ILE D 262 15.74 -16.71 16.80
C ILE D 262 14.62 -17.11 15.84
N LEU D 263 14.50 -18.42 15.64
CA LEU D 263 13.41 -19.00 14.85
C LEU D 263 12.48 -19.75 15.79
N THR D 264 11.20 -19.40 15.75
CA THR D 264 10.20 -19.98 16.64
C THR D 264 9.59 -21.23 16.01
N VAL D 265 9.65 -22.34 16.75
CA VAL D 265 9.10 -23.61 16.30
C VAL D 265 8.22 -24.18 17.40
N TYR D 266 7.23 -24.97 17.00
CA TYR D 266 6.29 -25.55 17.95
C TYR D 266 6.87 -26.79 18.63
N LYS D 267 7.57 -27.63 17.88
CA LYS D 267 8.10 -28.89 18.40
C LYS D 267 9.55 -29.07 17.97
N ALA D 268 10.41 -29.41 18.91
CA ALA D 268 11.82 -29.66 18.66
C ALA D 268 12.24 -30.93 19.36
N CYS D 269 12.97 -31.79 18.66
CA CYS D 269 13.34 -33.10 19.16
C CYS D 269 14.78 -33.12 19.65
N ASN D 270 15.09 -34.14 20.46
CA ASN D 270 16.46 -34.44 20.89
C ASN D 270 17.09 -33.29 21.66
N LEU D 271 16.34 -32.76 22.64
CA LEU D 271 16.80 -31.63 23.42
C LEU D 271 16.66 -31.92 24.91
N ASN D 272 17.64 -31.45 25.68
CA ASN D 272 17.71 -31.64 27.12
C ASN D 272 17.48 -30.30 27.79
N LEU D 273 16.68 -30.31 28.85
CA LEU D 273 16.32 -29.09 29.58
C LEU D 273 17.12 -29.02 30.88
N ILE D 274 17.71 -27.87 31.14
CA ILE D 274 18.54 -27.65 32.34
C ILE D 274 18.06 -26.37 33.02
N GLY D 275 17.75 -26.47 34.30
CA GLY D 275 17.33 -25.32 35.09
C GLY D 275 15.82 -25.24 35.25
N ARG D 276 15.40 -24.15 35.89
CA ARG D 276 13.99 -23.86 36.11
C ARG D 276 13.54 -22.73 35.20
N PRO D 277 12.28 -22.77 34.75
CA PRO D 277 11.78 -21.69 33.87
C PRO D 277 11.83 -20.34 34.56
N SER D 278 12.43 -19.36 33.87
CA SER D 278 12.65 -18.04 34.44
C SER D 278 12.27 -16.98 33.43
N THR D 279 11.72 -15.86 33.91
CA THR D 279 11.21 -14.80 33.06
C THR D 279 12.11 -13.57 33.03
N GLU D 280 13.28 -13.62 33.67
CA GLU D 280 14.18 -12.48 33.64
C GLU D 280 14.70 -12.25 32.22
N HIS D 281 14.54 -11.02 31.73
CA HIS D 281 15.01 -10.62 30.41
C HIS D 281 14.37 -11.47 29.32
N SER D 282 13.05 -11.62 29.41
CA SER D 282 12.30 -12.45 28.46
C SER D 282 11.98 -11.63 27.21
N TRP D 283 12.51 -12.07 26.06
CA TRP D 283 12.21 -11.38 24.82
C TRP D 283 10.74 -11.46 24.46
N PHE D 284 10.07 -12.54 24.86
CA PHE D 284 8.63 -12.67 24.70
C PHE D 284 7.97 -12.43 26.05
N PRO D 285 7.43 -11.24 26.32
CA PRO D 285 6.85 -10.97 27.64
C PRO D 285 5.67 -11.87 27.94
N GLY D 286 5.56 -12.27 29.20
CA GLY D 286 4.57 -13.23 29.63
C GLY D 286 5.02 -14.67 29.57
N TYR D 287 6.27 -14.92 29.21
CA TYR D 287 6.80 -16.27 29.09
C TYR D 287 8.09 -16.40 29.89
N ALA D 288 8.37 -17.62 30.34
CA ALA D 288 9.61 -17.95 31.02
C ALA D 288 10.41 -18.91 30.14
N TRP D 289 11.73 -18.79 30.21
CA TRP D 289 12.62 -19.58 29.37
C TRP D 289 13.35 -20.63 30.20
N THR D 290 13.62 -21.76 29.56
CA THR D 290 14.42 -22.84 30.14
C THR D 290 15.49 -23.24 29.14
N VAL D 291 16.69 -23.52 29.64
CA VAL D 291 17.84 -23.76 28.78
C VAL D 291 17.69 -25.12 28.10
N ALA D 292 18.06 -25.19 26.82
CA ALA D 292 17.96 -26.40 26.02
C ALA D 292 19.33 -26.77 25.49
N GLN D 293 19.69 -28.04 25.60
CA GLN D 293 21.00 -28.52 25.17
C GLN D 293 20.86 -29.80 24.34
N CYS D 294 21.80 -29.98 23.42
CA CYS D 294 21.88 -31.21 22.64
C CYS D 294 22.20 -32.38 23.56
N LYS D 295 21.48 -33.49 23.39
CA LYS D 295 21.66 -34.65 24.27
C LYS D 295 23.07 -35.21 24.15
N ILE D 296 23.65 -35.19 22.96
CA ILE D 296 24.90 -35.89 22.72
C ILE D 296 26.09 -35.03 23.12
N CYS D 297 26.11 -33.76 22.71
CA CYS D 297 27.27 -32.91 22.91
C CYS D 297 27.09 -31.87 24.00
N ALA D 298 25.88 -31.72 24.56
CA ALA D 298 25.62 -30.78 25.65
C ALA D 298 25.97 -29.35 25.27
N SER D 299 25.62 -28.97 24.03
CA SER D 299 25.85 -27.61 23.54
C SER D 299 24.52 -26.87 23.47
N HIS D 300 24.57 -25.57 23.75
CA HIS D 300 23.37 -24.75 23.75
C HIS D 300 22.82 -24.60 22.33
N ILE D 301 21.53 -24.90 22.17
CA ILE D 301 20.85 -24.76 20.89
C ILE D 301 19.79 -23.67 20.94
N GLY D 302 18.98 -23.65 22.00
CA GLY D 302 17.96 -22.63 22.16
C GLY D 302 17.37 -22.56 23.55
N TRP D 303 16.11 -22.16 23.65
CA TRP D 303 15.42 -22.06 24.93
C TRP D 303 14.00 -22.60 24.79
N LYS D 304 13.49 -23.14 25.89
CA LYS D 304 12.11 -23.60 25.97
C LYS D 304 11.28 -22.52 26.66
N PHE D 305 10.32 -21.96 25.93
CA PHE D 305 9.46 -20.90 26.44
C PHE D 305 8.14 -21.50 26.91
N THR D 306 7.80 -21.26 28.17
CA THR D 306 6.56 -21.72 28.76
C THR D 306 5.78 -20.52 29.30
N ALA D 307 4.48 -20.51 29.03
CA ALA D 307 3.64 -19.39 29.45
C ALA D 307 3.40 -19.41 30.95
N THR D 308 3.17 -18.23 31.51
CA THR D 308 2.86 -18.10 32.93
C THR D 308 1.36 -18.08 33.20
N LYS D 309 0.53 -17.86 32.17
CA LYS D 309 -0.91 -17.76 32.31
C LYS D 309 -1.57 -18.91 31.56
N LYS D 310 -2.54 -19.56 32.20
CA LYS D 310 -3.19 -20.71 31.59
C LYS D 310 -4.15 -20.29 30.47
N ASP D 311 -4.66 -19.06 30.52
CA ASP D 311 -5.60 -18.60 29.51
C ASP D 311 -4.92 -18.31 28.18
N MET D 312 -3.61 -18.08 28.18
CA MET D 312 -2.90 -17.79 26.94
C MET D 312 -3.02 -18.96 25.98
N SER D 313 -3.35 -18.66 24.72
CA SER D 313 -3.55 -19.71 23.73
C SER D 313 -2.31 -20.56 23.50
N PRO D 314 -1.13 -19.98 23.19
CA PRO D 314 0.06 -20.84 23.05
C PRO D 314 0.67 -21.09 24.42
N GLN D 315 0.68 -22.36 24.84
CA GLN D 315 1.19 -22.70 26.15
C GLN D 315 2.71 -22.84 26.16
N LYS D 316 3.27 -23.42 25.10
CA LYS D 316 4.72 -23.60 25.02
C LYS D 316 5.16 -23.52 23.56
N PHE D 317 6.42 -23.14 23.37
CA PHE D 317 7.04 -23.12 22.05
C PHE D 317 8.55 -23.06 22.25
N TRP D 318 9.28 -23.27 21.15
CA TRP D 318 10.74 -23.37 21.19
C TRP D 318 11.35 -22.25 20.36
N GLY D 319 12.29 -21.52 20.97
CA GLY D 319 13.08 -20.54 20.26
C GLY D 319 14.52 -21.02 20.12
N LEU D 320 14.99 -21.15 18.89
CA LEU D 320 16.26 -21.80 18.61
C LEU D 320 17.18 -20.84 17.87
N THR D 321 18.42 -20.72 18.35
CA THR D 321 19.39 -19.82 17.75
C THR D 321 19.87 -20.38 16.41
N ARG D 322 19.90 -19.50 15.39
CA ARG D 322 20.30 -19.93 14.06
C ARG D 322 21.77 -20.33 14.00
N SER D 323 22.61 -19.71 14.84
CA SER D 323 24.04 -20.01 14.82
C SER D 323 24.31 -21.47 15.11
N ALA D 324 23.52 -22.08 16.00
CA ALA D 324 23.75 -23.46 16.40
C ALA D 324 23.24 -24.46 15.37
N LEU D 325 22.16 -24.13 14.66
CA LEU D 325 21.58 -25.05 13.70
C LEU D 325 22.24 -24.90 12.33
N ILE D 326 22.48 -26.03 11.68
CA ILE D 326 22.99 -26.05 10.32
C ILE D 326 22.08 -26.95 9.48
N PRO D 327 21.62 -26.48 8.33
CA PRO D 327 20.71 -27.29 7.52
C PRO D 327 21.40 -28.56 7.00
N THR D 328 20.65 -29.65 6.97
CA THR D 328 21.19 -30.93 6.51
C THR D 328 21.07 -31.05 5.00
N A1H2F E . -26.17 20.87 -15.42
CA A1H2F E . -24.74 20.66 -15.17
C A1H2F E . -24.55 20.16 -13.90
O A1H2F E . -25.39 19.44 -13.37
CB A1H2F E . -24.01 21.95 -15.30
CG A1H2F E . -22.54 21.75 -15.02
CD A1H2F E . -22.39 21.24 -13.74
OE1 A1H2F E . -21.37 21.47 -13.08
NE2 A1H2F E . -23.38 20.45 -13.20
CAA A1H2F E . -35.64 30.91 -10.66
CAB A1H2F E . -35.82 29.54 -11.32
CAC A1H2F E . -34.55 28.72 -11.09
CAD A1H2F E . -34.79 27.26 -11.51
CAE A1H2F E . -33.52 26.44 -11.23
CAF A1H2F E . -32.40 26.90 -12.16
CAG A1H2F E . -31.17 26.01 -11.99
CAH A1H2F E . -31.70 24.44 -13.79
CAI A1H2F E . -30.42 24.43 -14.62
CAJ A1H2F E . -29.50 23.30 -14.21
CAK A1H2F E . -30.04 22.67 -12.94
CAL A1H2F E . -30.31 23.77 -11.94
CAT A1H2F E . -28.15 20.74 -16.34
CAU A1H2F E . -28.26 21.69 -15.41
CAV A1H2F E . -27.03 21.86 -14.79
CAX A1H2F E . -26.90 20.28 -16.35
CAY A1H2F E . -30.42 20.98 -16.90
CAZ A1H2F E . -30.54 21.97 -15.94
CBA A1H2F E . -29.42 22.31 -15.19
CBB A1H2F E . -29.19 20.38 -17.08
CBF A1H2F E . -38.89 34.79 -18.83
CBG A1H2F E . -37.83 36.57 -18.38
CBH A1H2F E . -37.45 34.86 -16.83
CBI A1H2F E . -35.68 34.65 -15.21
CBJ A1H2F E . -36.17 35.17 -16.39
CBK A1H2F E . -35.27 36.02 -17.02
CBL A1H2F E . -37.01 37.59 -17.89
CBM A1H2F E . -37.62 38.58 -16.91
CBN A1H2F E . -37.26 39.02 -18.33
CBO A1H2F E . -33.91 35.74 -16.95
CBP A1H2F E . -33.01 36.77 -16.75
CBQ A1H2F E . -31.64 36.49 -16.69
CBR A1H2F E . -31.19 35.19 -16.84
CBS A1H2F E . -35.97 33.29 -13.31
CBT A1H2F E . -35.08 33.90 -12.55
CBU A1H2F E . -36.33 32.13 -12.76
CBW A1H2F E . -32.10 34.16 -17.05
CBX A1H2F E . -33.45 34.44 -17.11
CCC A1H2F E . -39.51 33.39 -18.85
CCD A1H2F E . -36.45 33.79 -14.44
CCE A1H2F E . -37.73 33.47 -14.86
CCF A1H2F E . -38.23 34.02 -16.03
NAM A1H2F E . -31.45 24.60 -12.35
NBY A1H2F E . -35.63 37.14 -17.64
NBZ A1H2F E . -38.51 36.79 -19.50
NCA A1H2F E . -39.19 35.68 -19.78
NCB A1H2F E . -38.04 35.34 -17.94
NCG A1H2F E . -35.62 32.01 -11.64
NCH A1H2F E . -34.85 33.11 -11.51
OBC A1H2F E . -26.49 19.39 -17.09
CLBV A1H2F E . -29.50 34.84 -16.77
ZN ZN F . -17.88 24.06 -33.97
N A1H2F G . 19.40 -14.85 28.27
CA A1H2F G . 18.28 -14.98 27.34
C A1H2F G . 17.60 -13.78 27.31
O A1H2F G . 18.17 -12.72 27.52
CB A1H2F G . 17.33 -16.05 27.77
CG A1H2F G . 16.19 -16.15 26.78
CD A1H2F G . 15.53 -14.93 26.75
OE1 A1H2F G . 14.33 -14.86 26.51
NE2 A1H2F G . 16.23 -13.77 27.02
CAA A1H2F G . 24.90 -13.20 42.82
CAB A1H2F G . 24.43 -12.42 41.60
CAC A1H2F G . 23.67 -13.35 40.65
CAD A1H2F G . 23.44 -12.67 39.31
CAE A1H2F G . 22.43 -13.48 38.50
CAF A1H2F G . 22.43 -12.98 37.05
CAG A1H2F G . 21.19 -13.51 36.32
CAH A1H2F G . 22.05 -14.22 34.20
CAI A1H2F G . 21.14 -15.29 33.61
CAJ A1H2F G . 20.38 -14.69 32.45
CAK A1H2F G . 19.94 -13.30 32.83
CAL A1H2F G . 19.89 -13.20 34.34
CAT A1H2F G . 21.44 -14.68 29.02
CAU A1H2F G . 20.67 -14.73 30.11
CAV A1H2F G . 19.34 -14.90 29.72
CAX A1H2F G . 20.68 -14.78 27.95
CAY A1H2F G . 23.36 -14.40 30.37
CAZ A1H2F G . 22.56 -14.46 31.50
CBA A1H2F G . 21.20 -14.63 31.33
CBB A1H2F G . 22.76 -14.52 29.13
CBF A1H2F G . 31.19 -20.62 42.78
CBG A1H2F G . 29.61 -21.48 43.93
CBH A1H2F G . 29.21 -19.33 43.00
CBI A1H2F G . 27.20 -18.04 42.74
CBJ A1H2F G . 27.83 -19.26 42.97
CBK A1H2F G . 26.94 -20.31 43.13
CBL A1H2F G . 28.42 -21.78 44.59
CBM A1H2F G . 28.42 -21.63 46.10
CBN A1H2F G . 28.40 -23.03 45.46
CBO A1H2F G . 25.71 -20.25 42.48
CBP A1H2F G . 24.52 -20.19 43.19
CBQ A1H2F G . 23.31 -20.13 42.50
CBR A1H2F G . 23.30 -20.13 41.11
CBS A1H2F G . 27.37 -15.73 42.35
CBT A1H2F G . 27.80 -14.82 41.49
CBU A1H2F G . 26.28 -15.30 42.95
CBW A1H2F G . 24.50 -20.19 40.40
CBX A1H2F G . 25.69 -20.25 41.09
CCC A1H2F G . 31.99 -19.64 41.93
CCD A1H2F G . 27.95 -16.90 42.57
CCE A1H2F G . 29.34 -16.96 42.61
CCF A1H2F G . 29.97 -18.19 42.82
NAM A1H2F G . 21.26 -13.19 34.89
NBY A1H2F G . 27.19 -21.41 43.86
NBZ A1H2F G . 30.63 -22.34 43.91
NCA A1H2F G . 31.62 -21.80 43.20
NCB A1H2F G . 29.95 -20.40 43.21
NCG A1H2F G . 26.02 -14.09 42.46
NCH A1H2F G . 26.95 -13.80 41.54
OBC A1H2F G . 21.10 -14.72 26.80
CLBV A1H2F G . 21.82 -20.06 40.24
ZN ZN H . 25.06 -31.67 19.44
#